data_2WCG
#
_entry.id   2WCG
#
_cell.length_a   68.311
_cell.length_b   96.827
_cell.length_c   83.234
_cell.angle_alpha   90.00
_cell.angle_beta   104.34
_cell.angle_gamma   90.00
#
_symmetry.space_group_name_H-M   'P 1 21 1'
#
loop_
_entity.id
_entity.type
_entity.pdbx_description
1 polymer GLUCOSYLCERAMIDASE
2 branched beta-D-mannopyranose-(1-4)-2-acetamido-2-deoxy-beta-D-glucopyranose-(1-4)-2-acetamido-2-deoxy-beta-D-glucopyranose
3 non-polymer alpha-L-fucopyranose
4 non-polymer 'SULFATE ION'
5 non-polymer N-[(3E,5R,6R,7S,8R,8AR)-5,6,7,8-TETRAHYDROXYHEXAHYDROIMIDAZO[1,5-A]PYRIDIN-3(2H)-YLIDENE]OCTAN-1-AMINIUM
6 non-polymer 'CHLORIDE ION'
7 water water
#
_entity_poly.entity_id   1
_entity_poly.type   'polypeptide(L)'
_entity_poly.pdbx_seq_one_letter_code
;EFARPCIPKSFGYSSVVCVCNATYCDSFDPPTFPALGTFSRYESTRSGRRMELSMGPIQANHTGTGLLLTLQPEQKFQKV
KGFGGAMTDAAALNILALSPPAQNLLLKSYFSEEGIGYNIIRVPMASCDFSIRTYTYADTPDDFQLHNFSLPEEDTKLKI
PLIHRALQLAQRPVSLLASPWTSPTWLKTNGAVNGKGSLKGQPGDIYHQTWARYFVKFLDAYAEHKLQFWAVTAENEPSA
GLLSGYPFQCLGFTPEHQRDFIARDLGPTLANSTHHNVRLLMLDDQRLLLPHWAKVVLTDPEAAKYVHGIAVHWYLDFLA
PAKATLGETHRLFPNTMLFASEACVGSKFWEQSVRLGSWDRGMQYSHSIITNLLYHVVGWTDWNLALNPEGGPNWVRNFV
DSPIIVDITKDTFYKQPMFYHLGHFSKFIPEGSQRVGLVASQKNDLDAVALMHPDGSAVVVVLNRSSKDVPLTIKDPAVG
FLETISPGYSIHTYLWHRQLLVDTM
;
_entity_poly.pdbx_strand_id   A,B
#
loop_
_chem_comp.id
_chem_comp.type
_chem_comp.name
_chem_comp.formula
BMA D-saccharide, beta linking beta-D-mannopyranose 'C6 H12 O6'
CL non-polymer 'CHLORIDE ION' 'Cl -1'
FUC L-saccharide, alpha linking alpha-L-fucopyranose 'C6 H12 O5'
MT5 non-polymer N-[(3E,5R,6R,7S,8R,8AR)-5,6,7,8-TETRAHYDROXYHEXAHYDROIMIDAZO[1,5-A]PYRIDIN-3(2H)-YLIDENE]OCTAN-1-AMINIUM 'C15 H30 N3 O4 1'
NAG D-saccharide, beta linking 2-acetamido-2-deoxy-beta-D-glucopyranose 'C8 H15 N O6'
SO4 non-polymer 'SULFATE ION' 'O4 S -2'
#
# COMPACT_ATOMS: atom_id res chain seq x y z
N ALA A 3 40.16 -11.44 14.45
CA ALA A 3 39.67 -10.14 14.94
C ALA A 3 40.56 -8.99 14.44
N ARG A 4 40.34 -8.60 13.18
CA ARG A 4 40.74 -7.26 12.71
C ARG A 4 39.58 -6.28 12.94
N PRO A 5 39.90 -5.09 13.48
CA PRO A 5 38.82 -4.13 13.77
C PRO A 5 38.31 -3.35 12.54
N CYS A 6 37.10 -2.83 12.67
CA CYS A 6 36.53 -1.93 11.69
C CYS A 6 37.49 -0.74 11.40
N ILE A 7 37.69 -0.40 10.12
CA ILE A 7 38.31 0.88 9.79
C ILE A 7 37.19 1.89 9.50
N PRO A 8 36.91 2.77 10.48
CA PRO A 8 35.70 3.55 10.40
C PRO A 8 35.78 4.74 9.44
N LYS A 9 34.71 5.06 8.76
CA LYS A 9 34.74 6.25 7.94
C LYS A 9 33.36 6.90 7.99
N SER A 10 33.34 8.20 8.24
CA SER A 10 32.09 8.96 8.25
C SER A 10 31.81 9.63 6.87
N PHE A 11 30.55 9.62 6.42
CA PHE A 11 30.16 10.41 5.24
C PHE A 11 29.18 11.50 5.61
N GLY A 12 29.16 11.86 6.90
CA GLY A 12 28.28 12.93 7.40
C GLY A 12 26.88 12.48 7.86
N TYR A 13 26.58 11.18 7.92
CA TYR A 13 25.34 10.75 8.52
C TYR A 13 25.55 10.34 9.97
N SER A 14 24.60 9.62 10.55
CA SER A 14 24.57 9.46 12.03
C SER A 14 25.64 8.54 12.58
N SER A 15 26.19 7.67 11.74
CA SER A 15 27.24 6.77 12.19
C SER A 15 28.30 6.53 11.12
N VAL A 16 29.18 5.55 11.31
CA VAL A 16 30.25 5.28 10.36
C VAL A 16 30.00 3.97 9.61
N VAL A 17 30.68 3.85 8.46
CA VAL A 17 30.80 2.59 7.74
C VAL A 17 32.18 2.03 8.10
N CYS A 18 32.39 0.75 7.85
CA CYS A 18 33.70 0.10 7.94
C CYS A 18 34.25 -0.08 6.55
N VAL A 19 35.46 0.44 6.36
CA VAL A 19 36.16 0.41 5.05
C VAL A 19 36.97 -0.88 4.85
N CYS A 20 36.73 -1.53 3.73
CA CYS A 20 37.35 -2.79 3.39
C CYS A 20 37.95 -2.63 2.01
N ASN A 21 39.00 -3.40 1.70
CA ASN A 21 39.65 -3.32 0.37
C ASN A 21 40.34 -4.64 0.09
N ALA A 22 41.30 -4.66 -0.86
CA ALA A 22 41.82 -5.96 -1.33
C ALA A 22 42.64 -6.66 -0.29
N THR A 23 43.22 -5.90 0.62
CA THR A 23 44.10 -6.50 1.60
C THR A 23 43.60 -6.43 3.06
N TYR A 24 42.50 -5.71 3.28
CA TYR A 24 42.02 -5.48 4.64
C TYR A 24 40.49 -5.54 4.73
N CYS A 25 39.98 -6.33 5.69
CA CYS A 25 38.60 -6.23 6.06
C CYS A 25 38.42 -6.58 7.53
N ASP A 26 37.48 -5.92 8.22
CA ASP A 26 37.27 -6.24 9.65
C ASP A 26 36.68 -7.66 9.77
N SER A 27 37.04 -8.40 10.81
CA SER A 27 36.55 -9.79 10.96
C SER A 27 36.43 -10.21 12.40
N PHE A 28 35.95 -11.41 12.60
CA PHE A 28 35.46 -11.82 13.93
C PHE A 28 36.43 -12.44 14.89
N PRO A 34 31.19 -18.76 25.64
CA PRO A 34 32.03 -18.23 26.74
C PRO A 34 32.63 -19.35 27.63
N ALA A 35 33.46 -18.98 28.64
CA ALA A 35 33.85 -19.91 29.73
C ALA A 35 32.58 -20.25 30.57
N LEU A 36 32.71 -20.56 31.85
CA LEU A 36 31.50 -20.94 32.61
C LEU A 36 31.50 -20.23 33.96
N GLY A 37 30.36 -20.04 34.65
CA GLY A 37 29.13 -19.52 34.13
C GLY A 37 29.33 -18.01 33.96
N THR A 38 29.87 -17.68 32.80
CA THR A 38 29.92 -16.32 32.31
C THR A 38 29.02 -16.25 31.09
N PHE A 39 28.63 -15.02 30.74
CA PHE A 39 27.92 -14.78 29.46
C PHE A 39 28.82 -13.99 28.50
N SER A 40 28.57 -14.10 27.19
CA SER A 40 29.16 -13.21 26.20
C SER A 40 28.15 -12.15 25.74
N ARG A 41 28.67 -10.95 25.49
CA ARG A 41 27.88 -9.84 25.03
C ARG A 41 28.60 -9.32 23.80
N TYR A 42 27.89 -9.22 22.67
CA TYR A 42 28.31 -8.46 21.50
C TYR A 42 27.55 -7.15 21.38
N GLU A 43 28.24 -6.07 21.10
CA GLU A 43 27.62 -4.76 21.14
C GLU A 43 28.01 -3.96 19.89
N SER A 44 27.02 -3.24 19.36
CA SER A 44 27.21 -2.25 18.33
C SER A 44 26.48 -0.97 18.73
N THR A 45 27.14 0.17 18.52
CA THR A 45 26.61 1.47 18.93
C THR A 45 26.68 2.49 17.81
N ARG A 46 25.84 3.53 17.92
CA ARG A 46 25.87 4.58 16.93
C ARG A 46 27.23 5.25 16.95
N SER A 47 27.84 5.28 18.14
CA SER A 47 29.10 5.96 18.34
C SER A 47 30.24 5.24 17.68
N GLY A 48 30.04 4.01 17.22
CA GLY A 48 31.09 3.39 16.43
C GLY A 48 31.54 1.99 16.84
N ARG A 49 30.98 1.45 17.92
CA ARG A 49 31.30 0.06 18.24
C ARG A 49 30.66 -0.91 17.25
N ARG A 50 31.42 -1.90 16.82
CA ARG A 50 31.02 -2.83 15.81
C ARG A 50 31.12 -4.29 16.28
N MET A 51 29.99 -4.87 16.69
CA MET A 51 29.99 -6.20 17.26
C MET A 51 31.21 -6.50 18.18
N GLU A 52 31.48 -5.60 19.13
CA GLU A 52 32.51 -5.75 20.20
C GLU A 52 32.10 -6.77 21.28
N LEU A 53 33.03 -7.69 21.58
CA LEU A 53 32.87 -8.80 22.51
C LEU A 53 33.26 -8.35 23.88
N SER A 54 32.43 -8.67 24.87
CA SER A 54 32.83 -8.53 26.26
C SER A 54 32.15 -9.64 27.00
N MET A 55 32.46 -9.78 28.29
CA MET A 55 31.92 -10.85 29.12
C MET A 55 31.59 -10.41 30.51
N GLY A 56 30.72 -11.19 31.12
CA GLY A 56 30.26 -10.85 32.47
C GLY A 56 29.86 -12.10 33.18
N PRO A 57 29.61 -11.98 34.50
CA PRO A 57 29.27 -13.15 35.33
C PRO A 57 27.79 -13.40 35.36
N ILE A 58 27.40 -14.68 35.33
CA ILE A 58 25.99 -15.00 35.64
C ILE A 58 25.90 -15.13 37.16
N GLN A 59 25.02 -14.32 37.77
CA GLN A 59 24.86 -14.20 39.22
C GLN A 59 23.75 -15.14 39.72
N ALA A 60 23.88 -15.60 40.96
CA ALA A 60 22.86 -16.45 41.58
C ALA A 60 21.65 -15.66 42.04
N ASN A 61 21.89 -14.44 42.50
CA ASN A 61 20.79 -13.66 43.06
C ASN A 61 20.65 -12.33 42.36
N HIS A 62 19.49 -11.72 42.54
CA HIS A 62 19.26 -10.39 42.04
C HIS A 62 18.28 -9.67 42.97
N THR A 63 18.55 -8.40 43.26
CA THR A 63 17.56 -7.60 44.01
C THR A 63 17.50 -6.25 43.33
N GLY A 64 16.35 -5.60 43.45
CA GLY A 64 16.23 -4.28 42.92
C GLY A 64 14.92 -4.27 42.23
N THR A 65 14.53 -3.10 41.75
CA THR A 65 13.26 -2.85 41.13
C THR A 65 13.48 -2.43 39.67
N GLY A 66 14.67 -2.68 39.11
CA GLY A 66 14.95 -2.24 37.74
C GLY A 66 14.25 -3.12 36.73
N LEU A 67 14.33 -2.76 35.46
CA LEU A 67 13.77 -3.59 34.41
C LEU A 67 14.35 -5.02 34.42
N LEU A 68 13.48 -6.02 34.41
CA LEU A 68 13.91 -7.41 34.42
C LEU A 68 13.26 -8.13 33.23
N LEU A 69 14.06 -8.83 32.44
CA LEU A 69 13.56 -9.60 31.32
C LEU A 69 13.71 -11.07 31.66
N THR A 70 12.61 -11.82 31.68
CA THR A 70 12.68 -13.20 32.18
C THR A 70 12.46 -14.22 31.06
N LEU A 71 13.49 -15.03 30.80
CA LEU A 71 13.32 -16.17 29.92
C LEU A 71 12.24 -17.13 30.40
N GLN A 72 11.47 -17.64 29.45
CA GLN A 72 10.53 -18.75 29.69
C GLN A 72 10.90 -19.85 28.75
N PRO A 73 11.94 -20.60 29.06
CA PRO A 73 12.54 -21.53 28.14
C PRO A 73 11.69 -22.75 27.81
N GLU A 74 10.56 -22.89 28.50
CA GLU A 74 9.69 -24.03 28.28
C GLU A 74 8.52 -23.62 27.38
N GLN A 75 8.37 -22.32 27.15
CA GLN A 75 7.48 -21.82 26.10
C GLN A 75 8.20 -21.83 24.77
N LYS A 76 7.85 -22.75 23.90
CA LYS A 76 8.61 -22.97 22.71
C LYS A 76 7.80 -22.50 21.53
N PHE A 77 8.40 -21.73 20.63
CA PHE A 77 7.70 -21.22 19.45
C PHE A 77 8.36 -21.78 18.17
N GLN A 78 8.55 -20.97 17.14
CA GLN A 78 8.95 -21.51 15.85
C GLN A 78 10.42 -21.80 15.84
N LYS A 79 10.82 -22.71 14.93
CA LYS A 79 12.22 -22.97 14.63
C LYS A 79 12.69 -22.10 13.46
N VAL A 80 13.93 -21.67 13.50
CA VAL A 80 14.50 -20.79 12.53
C VAL A 80 15.11 -21.51 11.33
N LYS A 81 14.74 -21.05 10.13
CA LYS A 81 15.34 -21.43 8.86
C LYS A 81 16.64 -20.67 8.65
N GLY A 82 16.62 -19.36 8.78
CA GLY A 82 17.88 -18.57 8.73
C GLY A 82 17.73 -17.20 8.12
N PHE A 83 18.88 -16.67 7.65
CA PHE A 83 19.05 -15.24 7.28
C PHE A 83 19.94 -15.17 6.07
N GLY A 84 19.71 -14.22 5.18
CA GLY A 84 20.64 -14.02 4.06
C GLY A 84 20.18 -12.86 3.21
N GLY A 85 20.47 -12.95 1.92
CA GLY A 85 20.33 -11.82 1.00
C GLY A 85 20.20 -12.30 -0.42
N ALA A 86 20.06 -11.37 -1.36
CA ALA A 86 19.76 -11.72 -2.73
C ALA A 86 20.95 -11.51 -3.69
N MET A 87 21.17 -12.50 -4.55
CA MET A 87 22.16 -12.44 -5.57
C MET A 87 21.48 -12.00 -6.88
N THR A 88 21.14 -10.71 -6.98
CA THR A 88 20.65 -10.11 -8.23
C THR A 88 21.80 -9.95 -9.26
N ASP A 89 21.47 -9.61 -10.50
CA ASP A 89 22.44 -9.22 -11.47
C ASP A 89 23.20 -8.00 -10.92
N ALA A 90 22.52 -7.03 -10.30
CA ALA A 90 23.27 -5.87 -9.86
C ALA A 90 24.28 -6.19 -8.75
N ALA A 91 23.90 -7.07 -7.81
CA ALA A 91 24.81 -7.51 -6.77
C ALA A 91 26.01 -8.23 -7.41
N ALA A 92 25.71 -9.20 -8.29
CA ALA A 92 26.82 -9.89 -8.96
C ALA A 92 27.77 -8.93 -9.71
N LEU A 93 27.22 -7.98 -10.46
CA LEU A 93 28.05 -7.08 -11.23
C LEU A 93 28.88 -6.19 -10.32
N ASN A 94 28.32 -5.76 -9.20
CA ASN A 94 29.08 -4.98 -8.24
C ASN A 94 30.24 -5.74 -7.62
N ILE A 95 29.99 -6.98 -7.19
CA ILE A 95 31.01 -7.77 -6.48
C ILE A 95 32.14 -8.10 -7.46
N LEU A 96 31.76 -8.51 -8.67
CA LEU A 96 32.73 -8.84 -9.68
C LEU A 96 33.50 -7.63 -10.22
N ALA A 97 33.16 -6.40 -9.85
CA ALA A 97 33.95 -5.28 -10.30
C ALA A 97 35.15 -5.00 -9.38
N LEU A 98 35.21 -5.69 -8.24
CA LEU A 98 36.35 -5.67 -7.33
C LEU A 98 37.43 -6.64 -7.82
N SER A 99 38.68 -6.42 -7.39
CA SER A 99 39.76 -7.39 -7.57
C SER A 99 39.44 -8.69 -6.82
N PRO A 100 39.90 -9.84 -7.36
CA PRO A 100 39.48 -11.09 -6.74
C PRO A 100 39.69 -11.18 -5.22
N PRO A 101 40.82 -10.66 -4.71
CA PRO A 101 41.01 -10.67 -3.26
C PRO A 101 39.92 -9.88 -2.49
N ALA A 102 39.49 -8.71 -3.01
CA ALA A 102 38.44 -7.90 -2.37
C ALA A 102 37.09 -8.64 -2.49
N GLN A 103 36.87 -9.31 -3.62
CA GLN A 103 35.72 -10.16 -3.78
C GLN A 103 35.58 -11.19 -2.67
N ASN A 104 36.67 -11.89 -2.40
CA ASN A 104 36.70 -12.92 -1.32
C ASN A 104 36.42 -12.35 0.03
N LEU A 105 37.00 -11.20 0.31
CA LEU A 105 36.75 -10.56 1.60
C LEU A 105 35.27 -10.14 1.70
N LEU A 106 34.63 -9.80 0.58
CA LEU A 106 33.27 -9.39 0.63
C LEU A 106 32.40 -10.66 0.87
N LEU A 107 32.69 -11.74 0.15
CA LEU A 107 31.93 -12.98 0.36
C LEU A 107 32.13 -13.57 1.77
N LYS A 108 33.38 -13.58 2.25
CA LYS A 108 33.65 -13.95 3.64
C LYS A 108 32.89 -13.12 4.65
N SER A 109 32.77 -11.83 4.43
CA SER A 109 32.02 -10.96 5.39
C SER A 109 30.64 -11.50 5.65
N TYR A 110 29.97 -11.93 4.58
CA TYR A 110 28.62 -12.46 4.65
C TYR A 110 28.52 -13.93 5.06
N PHE A 111 29.33 -14.77 4.44
CA PHE A 111 29.16 -16.22 4.50
C PHE A 111 30.05 -17.05 5.43
N SER A 112 31.25 -16.58 5.77
CA SER A 112 32.12 -17.41 6.61
C SER A 112 31.89 -17.19 8.09
N GLU A 113 32.51 -18.07 8.88
CA GLU A 113 32.56 -17.97 10.34
C GLU A 113 33.34 -16.76 10.78
N GLU A 114 34.24 -16.24 9.94
CA GLU A 114 34.91 -14.96 10.28
C GLU A 114 34.03 -13.75 9.98
N GLY A 115 32.90 -13.97 9.28
CA GLY A 115 31.93 -12.91 9.07
C GLY A 115 30.61 -13.24 9.78
N ILE A 116 29.49 -12.91 9.14
CA ILE A 116 28.19 -13.01 9.84
C ILE A 116 27.35 -14.25 9.53
N GLY A 117 27.93 -15.23 8.85
CA GLY A 117 27.28 -16.55 8.74
C GLY A 117 25.90 -16.68 8.09
N TYR A 118 25.65 -15.91 7.02
CA TYR A 118 24.44 -16.05 6.18
C TYR A 118 24.28 -17.49 5.77
N ASN A 119 23.05 -17.97 5.74
CA ASN A 119 22.84 -19.31 5.23
C ASN A 119 21.69 -19.36 4.21
N ILE A 120 21.27 -18.20 3.67
CA ILE A 120 20.22 -18.16 2.67
C ILE A 120 20.62 -17.23 1.54
N ILE A 121 20.34 -17.61 0.29
CA ILE A 121 20.61 -16.75 -0.88
C ILE A 121 19.39 -16.79 -1.77
N ARG A 122 18.78 -15.63 -2.02
CA ARG A 122 17.61 -15.55 -2.87
C ARG A 122 18.12 -15.23 -4.25
N VAL A 123 17.58 -15.96 -5.25
CA VAL A 123 18.03 -15.89 -6.64
C VAL A 123 16.86 -15.54 -7.55
N PRO A 124 16.93 -14.39 -8.26
CA PRO A 124 15.84 -14.11 -9.19
C PRO A 124 15.90 -15.10 -10.36
N MET A 125 14.73 -15.55 -10.82
CA MET A 125 14.61 -16.31 -12.05
C MET A 125 14.44 -15.31 -13.23
N ALA A 126 15.56 -15.09 -13.92
CA ALA A 126 15.70 -14.16 -15.02
C ALA A 126 15.72 -12.74 -14.45
N SER A 127 15.30 -11.75 -15.21
CA SER A 127 15.59 -10.36 -14.86
C SER A 127 14.56 -9.72 -13.94
N CYS A 128 15.01 -8.73 -13.15
CA CYS A 128 14.09 -7.91 -12.34
C CYS A 128 14.56 -6.45 -12.52
N ASP A 129 14.15 -5.53 -11.65
CA ASP A 129 14.57 -4.15 -11.88
C ASP A 129 16.09 -4.01 -11.62
N PHE A 130 16.63 -4.85 -10.75
CA PHE A 130 18.08 -4.85 -10.46
C PHE A 130 18.84 -5.73 -11.45
N SER A 131 18.58 -5.45 -12.73
CA SER A 131 19.20 -6.06 -13.87
C SER A 131 19.59 -4.89 -14.76
N ILE A 132 20.56 -5.07 -15.65
CA ILE A 132 20.83 -3.98 -16.63
C ILE A 132 20.12 -4.13 -17.98
N ARG A 133 19.57 -5.31 -18.25
CA ARG A 133 18.66 -5.47 -19.40
C ARG A 133 17.45 -6.36 -19.06
N THR A 134 16.41 -6.27 -19.85
CA THR A 134 15.27 -7.14 -19.68
C THR A 134 15.46 -8.42 -20.50
N TYR A 135 15.16 -9.56 -19.91
CA TYR A 135 15.31 -10.89 -20.59
C TYR A 135 14.56 -11.93 -19.74
N THR A 136 14.08 -12.98 -20.37
CA THR A 136 13.63 -14.14 -19.60
C THR A 136 14.45 -15.31 -20.12
N TYR A 137 14.18 -16.52 -19.62
CA TYR A 137 14.87 -17.70 -20.12
C TYR A 137 14.33 -18.29 -21.43
N ALA A 138 13.17 -17.84 -21.88
CA ALA A 138 12.51 -18.40 -23.08
C ALA A 138 11.86 -17.26 -23.85
N ASP A 139 12.69 -16.40 -24.44
CA ASP A 139 12.25 -15.24 -25.22
C ASP A 139 11.86 -15.47 -26.69
N THR A 140 12.17 -16.65 -27.21
CA THR A 140 11.67 -17.03 -28.55
C THR A 140 10.15 -17.19 -28.47
N PRO A 141 9.41 -16.43 -29.28
CA PRO A 141 7.96 -16.34 -29.17
C PRO A 141 7.26 -17.66 -29.49
N ASP A 142 6.26 -18.02 -28.68
CA ASP A 142 5.40 -19.17 -28.91
C ASP A 142 6.12 -20.48 -28.83
N ASP A 143 7.25 -20.47 -28.14
CA ASP A 143 8.01 -21.67 -27.81
C ASP A 143 7.34 -22.47 -26.67
N PHE A 144 6.10 -22.90 -26.85
CA PHE A 144 5.35 -23.66 -25.81
C PHE A 144 6.07 -24.92 -25.41
N GLN A 145 6.90 -25.48 -26.30
CA GLN A 145 7.73 -26.64 -25.92
C GLN A 145 8.90 -26.28 -25.02
N LEU A 146 9.24 -24.99 -24.95
CA LEU A 146 10.43 -24.54 -24.22
C LEU A 146 11.70 -25.22 -24.75
N HIS A 147 11.74 -25.47 -26.06
CA HIS A 147 12.93 -26.01 -26.70
C HIS A 147 14.07 -25.04 -26.61
N ASN A 148 13.75 -23.77 -26.63
CA ASN A 148 14.77 -22.77 -26.63
C ASN A 148 15.01 -22.14 -25.25
N PHE A 149 14.68 -22.84 -24.19
CA PHE A 149 14.92 -22.33 -22.85
C PHE A 149 16.44 -22.30 -22.55
N SER A 150 16.95 -21.18 -22.09
CA SER A 150 18.34 -21.23 -21.69
C SER A 150 18.78 -20.09 -20.79
N LEU A 151 19.79 -20.39 -19.98
CA LEU A 151 20.43 -19.43 -19.07
C LEU A 151 21.42 -18.51 -19.85
N PRO A 152 21.25 -17.18 -19.72
CA PRO A 152 22.23 -16.29 -20.31
C PRO A 152 23.48 -16.16 -19.42
N GLU A 153 24.41 -15.30 -19.81
CA GLU A 153 25.63 -15.09 -19.07
C GLU A 153 25.41 -14.45 -17.72
N GLU A 154 24.33 -13.67 -17.55
CA GLU A 154 23.94 -13.21 -16.21
C GLU A 154 23.94 -14.34 -15.22
N ASP A 155 23.46 -15.51 -15.63
CA ASP A 155 23.49 -16.62 -14.72
C ASP A 155 24.83 -17.34 -14.80
N THR A 156 25.28 -17.71 -16.01
CA THR A 156 26.40 -18.67 -16.11
C THR A 156 27.75 -18.05 -15.79
N LYS A 157 27.92 -16.76 -16.07
CA LYS A 157 29.18 -16.11 -15.81
C LYS A 157 29.15 -15.21 -14.57
N LEU A 158 27.97 -14.76 -14.11
CA LEU A 158 27.93 -13.86 -12.93
C LEU A 158 27.39 -14.51 -11.64
N LYS A 159 26.08 -14.77 -11.62
CA LYS A 159 25.42 -15.29 -10.44
C LYS A 159 25.88 -16.70 -10.01
N ILE A 160 25.87 -17.64 -10.94
CA ILE A 160 26.23 -19.03 -10.58
C ILE A 160 27.67 -19.17 -9.98
N PRO A 161 28.68 -18.57 -10.63
CA PRO A 161 30.01 -18.70 -10.02
C PRO A 161 30.13 -18.03 -8.63
N LEU A 162 29.42 -16.92 -8.41
CA LEU A 162 29.45 -16.27 -7.10
C LEU A 162 28.71 -17.09 -6.08
N ILE A 163 27.55 -17.64 -6.42
CA ILE A 163 26.90 -18.56 -5.50
C ILE A 163 27.82 -19.79 -5.14
N HIS A 164 28.49 -20.40 -6.11
CA HIS A 164 29.51 -21.42 -5.78
C HIS A 164 30.55 -20.96 -4.78
N ARG A 165 31.15 -19.80 -5.06
CA ARG A 165 32.17 -19.24 -4.19
C ARG A 165 31.62 -19.01 -2.78
N ALA A 166 30.43 -18.41 -2.67
CA ALA A 166 29.78 -18.30 -1.34
C ALA A 166 29.59 -19.66 -0.65
N LEU A 167 29.17 -20.70 -1.38
CA LEU A 167 29.03 -22.00 -0.76
C LEU A 167 30.38 -22.58 -0.29
N GLN A 168 31.45 -22.39 -1.05
CA GLN A 168 32.79 -22.87 -0.66
C GLN A 168 33.28 -22.17 0.60
N LEU A 169 32.94 -20.89 0.75
CA LEU A 169 33.39 -20.12 1.91
C LEU A 169 32.49 -20.36 3.12
N ALA A 170 31.31 -20.93 2.89
CA ALA A 170 30.31 -20.97 3.92
C ALA A 170 30.64 -21.90 5.06
N GLN A 171 30.38 -21.29 6.22
CA GLN A 171 30.42 -21.90 7.52
C GLN A 171 29.38 -23.05 7.63
N ARG A 172 28.13 -22.70 7.32
CA ARG A 172 26.93 -23.52 7.50
C ARG A 172 26.37 -23.90 6.15
N PRO A 173 25.53 -24.96 6.10
CA PRO A 173 24.82 -25.30 4.88
C PRO A 173 23.91 -24.14 4.43
N VAL A 174 23.93 -23.82 3.12
CA VAL A 174 23.28 -22.66 2.60
C VAL A 174 22.04 -23.06 1.83
N SER A 175 20.90 -22.39 2.04
CA SER A 175 19.67 -22.68 1.28
C SER A 175 19.40 -21.65 0.21
N LEU A 176 19.13 -22.11 -1.01
CA LEU A 176 18.83 -21.22 -2.12
C LEU A 176 17.33 -21.14 -2.28
N LEU A 177 16.85 -19.95 -2.63
CA LEU A 177 15.41 -19.68 -2.79
C LEU A 177 15.28 -18.94 -4.14
N ALA A 178 14.44 -19.40 -5.07
CA ALA A 178 14.26 -18.78 -6.39
C ALA A 178 12.91 -18.03 -6.46
N SER A 179 12.85 -16.90 -7.16
CA SER A 179 11.54 -16.23 -7.40
C SER A 179 11.57 -15.61 -8.76
N PRO A 180 10.47 -15.75 -9.51
CA PRO A 180 10.47 -15.03 -10.82
C PRO A 180 9.77 -13.67 -10.70
N TRP A 181 10.15 -12.70 -11.53
CA TRP A 181 9.42 -11.42 -11.62
C TRP A 181 8.41 -11.50 -12.76
N THR A 182 8.87 -11.82 -13.97
CA THR A 182 7.96 -11.97 -15.10
C THR A 182 8.16 -13.30 -15.84
N SER A 183 7.12 -13.74 -16.54
CA SER A 183 7.20 -14.78 -17.60
C SER A 183 7.64 -14.22 -18.95
N PRO A 184 8.00 -15.12 -19.92
CA PRO A 184 8.13 -14.67 -21.32
C PRO A 184 6.93 -13.85 -21.69
N THR A 185 7.10 -12.86 -22.55
CA THR A 185 6.01 -11.96 -22.84
C THR A 185 4.90 -12.54 -23.71
N TRP A 186 5.19 -13.59 -24.46
CA TRP A 186 4.19 -14.22 -25.29
C TRP A 186 3.25 -15.07 -24.42
N LEU A 187 3.51 -15.15 -23.12
CA LEU A 187 2.58 -15.88 -22.23
C LEU A 187 1.65 -14.91 -21.54
N LYS A 188 1.85 -13.62 -21.75
CA LYS A 188 1.16 -12.56 -20.99
C LYS A 188 0.04 -11.81 -21.73
N THR A 189 -1.05 -11.48 -21.03
CA THR A 189 -2.15 -10.77 -21.61
C THR A 189 -1.76 -9.47 -22.30
N ASN A 190 -0.72 -8.78 -21.82
CA ASN A 190 -0.30 -7.49 -22.37
C ASN A 190 0.97 -7.55 -23.23
N GLY A 191 1.55 -8.72 -23.41
CA GLY A 191 2.74 -8.86 -24.25
C GLY A 191 3.96 -8.03 -23.85
N ALA A 192 4.10 -7.70 -22.56
CA ALA A 192 5.25 -6.91 -22.16
C ALA A 192 5.77 -7.40 -20.82
N VAL A 193 7.02 -7.06 -20.50
CA VAL A 193 7.59 -7.57 -19.24
C VAL A 193 7.04 -6.87 -18.00
N ASN A 194 6.61 -5.62 -18.18
CA ASN A 194 6.01 -4.80 -17.13
C ASN A 194 4.57 -4.37 -17.42
N GLY A 195 4.03 -3.44 -16.63
CA GLY A 195 2.68 -3.00 -16.87
C GLY A 195 1.67 -3.95 -16.28
N LYS A 196 0.39 -3.61 -16.40
CA LYS A 196 -0.65 -4.48 -15.87
C LYS A 196 -0.88 -5.69 -16.78
N GLY A 197 -0.79 -6.89 -16.24
CA GLY A 197 -0.96 -8.07 -17.08
C GLY A 197 -0.66 -9.39 -16.38
N SER A 198 -1.27 -10.45 -16.89
CA SER A 198 -1.16 -11.72 -16.26
C SER A 198 -0.95 -12.79 -17.32
N LEU A 199 -0.79 -14.03 -16.90
CA LEU A 199 -0.79 -15.16 -17.81
C LEU A 199 -2.13 -15.17 -18.62
N LYS A 200 -2.04 -15.50 -19.91
CA LYS A 200 -3.24 -15.60 -20.73
C LYS A 200 -4.05 -16.81 -20.30
N GLY A 201 -5.36 -16.79 -20.57
CA GLY A 201 -6.15 -17.97 -20.37
C GLY A 201 -6.46 -18.19 -18.91
N GLN A 202 -6.60 -19.45 -18.52
CA GLN A 202 -6.92 -19.75 -17.12
C GLN A 202 -6.07 -20.94 -16.66
N PRO A 203 -5.86 -21.06 -15.33
CA PRO A 203 -5.07 -22.22 -14.86
C PRO A 203 -5.61 -23.54 -15.38
N GLY A 204 -4.71 -24.49 -15.60
CA GLY A 204 -5.10 -25.75 -16.16
C GLY A 204 -4.83 -25.77 -17.65
N ASP A 205 -4.60 -24.60 -18.27
CA ASP A 205 -4.49 -24.54 -19.73
C ASP A 205 -3.03 -24.57 -20.24
N ILE A 206 -2.86 -24.42 -21.55
CA ILE A 206 -1.52 -24.49 -22.14
C ILE A 206 -0.57 -23.38 -21.66
N TYR A 207 -1.06 -22.18 -21.46
CA TYR A 207 -0.23 -21.08 -20.95
C TYR A 207 0.30 -21.38 -19.54
N HIS A 208 -0.60 -21.83 -18.66
CA HIS A 208 -0.27 -22.16 -17.27
C HIS A 208 0.64 -23.40 -17.18
N GLN A 209 0.34 -24.40 -18.01
CA GLN A 209 1.13 -25.59 -18.12
C GLN A 209 2.58 -25.25 -18.55
N THR A 210 2.74 -24.44 -19.59
CA THR A 210 4.05 -23.95 -20.01
C THR A 210 4.77 -23.16 -18.92
N TRP A 211 4.06 -22.26 -18.24
CA TRP A 211 4.70 -21.49 -17.17
C TRP A 211 5.16 -22.39 -16.03
N ALA A 212 4.34 -23.36 -15.62
CA ALA A 212 4.81 -24.35 -14.63
C ALA A 212 6.08 -25.12 -15.13
N ARG A 213 6.11 -25.51 -16.40
CA ARG A 213 7.28 -26.23 -16.91
C ARG A 213 8.56 -25.42 -16.90
N TYR A 214 8.41 -24.12 -17.08
CA TYR A 214 9.56 -23.19 -17.02
C TYR A 214 10.26 -23.24 -15.67
N PHE A 215 9.48 -23.37 -14.60
CA PHE A 215 10.07 -23.50 -13.27
C PHE A 215 10.97 -24.77 -13.21
N VAL A 216 10.46 -25.89 -13.71
CA VAL A 216 11.23 -27.16 -13.73
C VAL A 216 12.47 -27.04 -14.59
N LYS A 217 12.34 -26.41 -15.76
CA LYS A 217 13.47 -26.10 -16.64
C LYS A 217 14.57 -25.27 -15.94
N PHE A 218 14.14 -24.29 -15.17
CA PHE A 218 15.04 -23.44 -14.41
C PHE A 218 15.78 -24.29 -13.37
N LEU A 219 15.03 -25.09 -12.60
CA LEU A 219 15.63 -26.00 -11.62
C LEU A 219 16.60 -26.99 -12.31
N ASP A 220 16.21 -27.53 -13.48
CA ASP A 220 17.04 -28.48 -14.21
C ASP A 220 18.35 -27.83 -14.60
N ALA A 221 18.29 -26.60 -15.12
CA ALA A 221 19.47 -25.89 -15.59
C ALA A 221 20.46 -25.52 -14.46
N TYR A 222 19.93 -25.13 -13.29
CA TYR A 222 20.78 -24.82 -12.13
C TYR A 222 21.34 -26.15 -11.60
N ALA A 223 20.57 -27.23 -11.65
CA ALA A 223 21.10 -28.55 -11.21
C ALA A 223 22.31 -29.00 -12.07
N GLU A 224 22.25 -28.78 -13.38
CA GLU A 224 23.36 -29.07 -14.28
C GLU A 224 24.59 -28.23 -13.94
N HIS A 225 24.39 -27.11 -13.24
CA HIS A 225 25.52 -26.29 -12.77
C HIS A 225 25.79 -26.57 -11.31
N LYS A 226 25.25 -27.68 -10.83
CA LYS A 226 25.51 -28.26 -9.51
C LYS A 226 24.95 -27.43 -8.36
N LEU A 227 23.86 -26.72 -8.63
CA LEU A 227 23.18 -25.96 -7.58
C LEU A 227 21.78 -26.54 -7.41
N GLN A 228 21.42 -26.83 -6.18
CA GLN A 228 20.07 -27.21 -5.93
C GLN A 228 19.36 -26.25 -4.95
N PHE A 229 18.03 -26.15 -5.12
CA PHE A 229 17.21 -25.18 -4.43
C PHE A 229 16.49 -25.74 -3.24
N TRP A 230 16.49 -24.96 -2.15
CA TRP A 230 15.66 -25.31 -0.99
C TRP A 230 14.20 -25.00 -1.27
N ALA A 231 13.90 -23.84 -1.91
CA ALA A 231 12.50 -23.40 -2.13
C ALA A 231 12.36 -22.57 -3.33
N VAL A 232 11.11 -22.43 -3.83
CA VAL A 232 10.78 -21.42 -4.84
C VAL A 232 9.51 -20.73 -4.38
N THR A 233 9.32 -19.47 -4.79
CA THR A 233 8.05 -18.78 -4.54
C THR A 233 7.25 -18.80 -5.84
N ALA A 234 5.92 -18.70 -5.74
CA ALA A 234 5.09 -18.92 -6.91
C ALA A 234 5.10 -17.68 -7.83
N GLU A 235 5.53 -16.53 -7.29
CA GLU A 235 5.68 -15.30 -8.08
C GLU A 235 6.20 -14.17 -7.15
N ASN A 236 7.12 -13.31 -7.61
CA ASN A 236 7.50 -12.18 -6.77
C ASN A 236 6.36 -11.15 -6.76
N GLU A 237 5.89 -10.72 -5.61
CA GLU A 237 4.84 -9.70 -5.59
C GLU A 237 3.76 -9.84 -6.68
N PRO A 238 2.98 -10.93 -6.63
CA PRO A 238 1.91 -11.16 -7.61
C PRO A 238 0.95 -9.92 -7.71
N SER A 239 0.83 -9.13 -6.66
CA SER A 239 -0.16 -8.09 -6.75
C SER A 239 0.34 -6.94 -7.66
N ALA A 240 1.66 -6.83 -7.88
CA ALA A 240 2.21 -5.74 -8.69
C ALA A 240 1.66 -5.72 -10.12
N GLY A 241 1.56 -6.89 -10.69
CA GLY A 241 1.04 -7.01 -12.03
C GLY A 241 -0.43 -6.70 -12.14
N LEU A 242 -1.10 -6.46 -11.04
CA LEU A 242 -2.52 -6.01 -11.07
C LEU A 242 -2.57 -4.48 -11.21
N LEU A 243 -1.41 -3.84 -11.21
CA LEU A 243 -1.33 -2.37 -11.18
C LEU A 243 -0.91 -1.77 -12.51
N SER A 244 -1.80 -0.90 -12.98
CA SER A 244 -1.67 -0.24 -14.27
C SER A 244 -0.41 0.62 -14.32
N GLY A 245 0.35 0.46 -15.39
CA GLY A 245 1.62 1.14 -15.58
C GLY A 245 2.78 0.62 -14.75
N TYR A 246 2.64 -0.52 -14.06
CA TYR A 246 3.66 -0.92 -13.10
C TYR A 246 4.95 -0.98 -13.86
N PRO A 247 5.97 -0.30 -13.36
CA PRO A 247 7.10 0.09 -14.18
C PRO A 247 8.17 -0.98 -14.45
N PHE A 248 8.27 -2.03 -13.65
CA PHE A 248 9.22 -3.05 -14.04
C PHE A 248 8.64 -4.46 -14.06
N GLN A 249 9.51 -5.46 -14.26
CA GLN A 249 9.03 -6.84 -14.47
C GLN A 249 8.04 -7.31 -13.38
N CYS A 250 6.92 -7.89 -13.82
CA CYS A 250 5.88 -8.34 -12.89
C CYS A 250 4.92 -9.27 -13.63
N LEU A 251 4.00 -9.87 -12.90
CA LEU A 251 3.10 -10.88 -13.50
C LEU A 251 1.98 -11.01 -12.50
N GLY A 252 0.81 -10.48 -12.82
CA GLY A 252 -0.24 -10.30 -11.82
C GLY A 252 -1.05 -11.54 -11.54
N PHE A 253 -1.32 -11.80 -10.25
CA PHE A 253 -2.22 -12.87 -9.82
C PHE A 253 -3.09 -12.30 -8.70
N THR A 254 -4.42 -12.47 -8.79
CA THR A 254 -5.27 -12.38 -7.59
C THR A 254 -5.00 -13.65 -6.76
N PRO A 255 -5.49 -13.69 -5.50
CA PRO A 255 -5.29 -14.92 -4.69
C PRO A 255 -5.92 -16.20 -5.26
N GLU A 256 -7.09 -16.04 -5.93
CA GLU A 256 -7.83 -17.15 -6.57
C GLU A 256 -7.00 -17.66 -7.77
N HIS A 257 -6.43 -16.73 -8.52
CA HIS A 257 -5.63 -17.13 -9.66
C HIS A 257 -4.39 -17.90 -9.13
N GLN A 258 -3.71 -17.37 -8.12
CA GLN A 258 -2.60 -18.11 -7.53
C GLN A 258 -2.98 -19.49 -6.96
N ARG A 259 -4.09 -19.56 -6.19
CA ARG A 259 -4.68 -20.83 -5.72
C ARG A 259 -4.88 -21.85 -6.84
N ASP A 260 -5.54 -21.48 -7.93
CA ASP A 260 -5.80 -22.41 -9.04
C ASP A 260 -4.55 -22.81 -9.83
N PHE A 261 -3.60 -21.88 -9.94
CA PHE A 261 -2.35 -22.15 -10.62
C PHE A 261 -1.50 -23.13 -9.80
N ILE A 262 -1.41 -22.92 -8.49
CA ILE A 262 -0.68 -23.86 -7.63
C ILE A 262 -1.32 -25.24 -7.68
N ALA A 263 -2.66 -25.31 -7.60
CA ALA A 263 -3.46 -26.56 -7.54
C ALA A 263 -3.44 -27.41 -8.81
N ARG A 264 -3.60 -26.74 -9.96
CA ARG A 264 -3.72 -27.40 -11.27
C ARG A 264 -2.38 -27.53 -12.02
N ASP A 265 -1.46 -26.56 -11.89
CA ASP A 265 -0.24 -26.52 -12.74
C ASP A 265 1.08 -26.63 -11.95
N LEU A 266 1.34 -25.64 -11.09
CA LEU A 266 2.68 -25.56 -10.50
C LEU A 266 2.93 -26.65 -9.45
N GLY A 267 1.98 -26.90 -8.57
CA GLY A 267 2.17 -28.00 -7.62
C GLY A 267 2.36 -29.38 -8.28
N PRO A 268 1.42 -29.80 -9.13
CA PRO A 268 1.54 -31.11 -9.81
C PRO A 268 2.80 -31.22 -10.62
N THR A 269 3.21 -30.13 -11.27
CA THR A 269 4.36 -30.18 -12.17
C THR A 269 5.65 -30.37 -11.37
N LEU A 270 5.79 -29.66 -10.25
CA LEU A 270 6.96 -29.82 -9.40
C LEU A 270 6.95 -31.17 -8.71
N ALA A 271 5.79 -31.60 -8.21
CA ALA A 271 5.70 -32.89 -7.53
C ALA A 271 6.01 -34.07 -8.48
N ASN A 272 5.74 -33.93 -9.77
CA ASN A 272 6.03 -34.97 -10.74
C ASN A 272 7.45 -34.86 -11.34
N SER A 273 8.32 -34.04 -10.76
CA SER A 273 9.65 -33.83 -11.33
C SER A 273 10.72 -34.36 -10.38
N THR A 274 11.96 -34.34 -10.84
CA THR A 274 13.07 -34.78 -9.97
C THR A 274 13.24 -33.81 -8.80
N HIS A 275 12.58 -32.66 -8.90
CA HIS A 275 12.74 -31.58 -7.92
C HIS A 275 11.58 -31.56 -6.97
N HIS A 276 10.88 -32.68 -6.81
CA HIS A 276 9.69 -32.77 -5.91
C HIS A 276 9.93 -32.43 -4.42
N ASN A 277 11.18 -32.48 -3.95
CA ASN A 277 11.51 -32.05 -2.60
C ASN A 277 11.73 -30.54 -2.40
N VAL A 278 11.83 -29.78 -3.47
CA VAL A 278 11.84 -28.30 -3.36
C VAL A 278 10.54 -27.75 -2.71
N ARG A 279 10.63 -26.87 -1.71
CA ARG A 279 9.44 -26.35 -1.10
C ARG A 279 8.83 -25.24 -1.93
N LEU A 280 7.52 -25.14 -1.89
CA LEU A 280 6.85 -24.06 -2.57
C LEU A 280 6.30 -23.05 -1.53
N LEU A 281 6.72 -21.78 -1.66
CA LEU A 281 6.16 -20.68 -0.87
C LEU A 281 5.15 -19.85 -1.66
N MET A 282 3.98 -19.60 -1.08
CA MET A 282 3.00 -18.71 -1.69
C MET A 282 3.20 -17.23 -1.25
N LEU A 283 2.42 -16.36 -1.88
CA LEU A 283 2.34 -14.94 -1.54
C LEU A 283 3.59 -14.18 -2.06
N ASP A 284 4.70 -14.21 -1.31
CA ASP A 284 5.92 -13.42 -1.68
C ASP A 284 5.57 -11.95 -1.91
N ASP A 285 4.82 -11.36 -0.96
CA ASP A 285 4.21 -10.07 -1.15
C ASP A 285 3.95 -9.38 0.23
N GLN A 286 3.35 -8.20 0.21
CA GLN A 286 3.15 -7.35 1.42
C GLN A 286 2.33 -8.08 2.51
N ARG A 287 2.70 -8.01 3.79
CA ARG A 287 1.94 -8.78 4.78
C ARG A 287 0.52 -8.29 5.03
N LEU A 288 0.18 -7.04 4.63
CA LEU A 288 -1.24 -6.58 4.71
C LEU A 288 -2.15 -7.54 3.95
N LEU A 289 -1.62 -8.33 3.01
CA LEU A 289 -2.40 -9.29 2.23
C LEU A 289 -2.80 -10.52 3.06
N LEU A 290 -2.20 -10.68 4.25
CA LEU A 290 -2.54 -11.76 5.16
C LEU A 290 -3.55 -11.21 6.20
N PRO A 291 -4.49 -12.04 6.68
CA PRO A 291 -4.56 -13.46 6.40
C PRO A 291 -5.38 -13.81 5.17
N HIS A 292 -5.96 -12.84 4.48
CA HIS A 292 -6.86 -13.09 3.34
C HIS A 292 -6.28 -14.05 2.31
N TRP A 293 -5.08 -13.78 1.85
CA TRP A 293 -4.48 -14.62 0.82
C TRP A 293 -4.24 -16.05 1.29
N ALA A 294 -3.80 -16.22 2.55
CA ALA A 294 -3.63 -17.55 3.13
C ALA A 294 -4.98 -18.33 3.19
N LYS A 295 -6.06 -17.66 3.58
CA LYS A 295 -7.39 -18.28 3.59
C LYS A 295 -7.87 -18.67 2.19
N VAL A 296 -7.72 -17.79 1.19
CA VAL A 296 -8.10 -18.17 -0.16
C VAL A 296 -7.28 -19.38 -0.62
N VAL A 297 -5.95 -19.34 -0.46
CA VAL A 297 -5.15 -20.45 -1.04
C VAL A 297 -5.22 -21.73 -0.22
N LEU A 298 -5.08 -21.60 1.11
CA LEU A 298 -4.87 -22.78 1.96
C LEU A 298 -6.16 -23.52 2.38
N THR A 299 -7.33 -22.89 2.21
CA THR A 299 -8.58 -23.64 2.46
C THR A 299 -9.00 -24.49 1.24
N ASP A 300 -8.35 -24.35 0.09
CA ASP A 300 -8.56 -25.32 -0.97
C ASP A 300 -7.55 -26.44 -0.79
N PRO A 301 -8.00 -27.68 -0.46
CA PRO A 301 -7.06 -28.76 -0.15
C PRO A 301 -6.23 -29.24 -1.35
N GLU A 302 -6.70 -29.01 -2.58
CA GLU A 302 -5.83 -29.25 -3.76
C GLU A 302 -4.63 -28.31 -3.84
N ALA A 303 -4.81 -27.02 -3.51
CA ALA A 303 -3.69 -26.06 -3.39
C ALA A 303 -2.82 -26.27 -2.14
N ALA A 304 -3.46 -26.34 -0.98
CA ALA A 304 -2.79 -26.55 0.31
C ALA A 304 -1.84 -27.73 0.32
N LYS A 305 -2.12 -28.83 -0.37
CA LYS A 305 -1.19 -29.94 -0.23
C LYS A 305 0.16 -29.66 -0.82
N TYR A 306 0.27 -28.59 -1.63
CA TYR A 306 1.55 -28.25 -2.28
C TYR A 306 2.31 -27.10 -1.59
N VAL A 307 1.67 -26.42 -0.65
CA VAL A 307 2.23 -25.16 -0.13
C VAL A 307 2.94 -25.38 1.21
N HIS A 308 4.25 -25.17 1.22
CA HIS A 308 5.02 -25.42 2.41
C HIS A 308 4.94 -24.20 3.33
N GLY A 309 4.87 -23.01 2.75
CA GLY A 309 4.84 -21.78 3.53
C GLY A 309 4.48 -20.54 2.76
N ILE A 310 4.55 -19.42 3.46
CA ILE A 310 4.11 -18.15 2.98
C ILE A 310 5.27 -17.14 3.06
N ALA A 311 5.66 -16.52 1.95
CA ALA A 311 6.73 -15.50 1.97
C ALA A 311 6.14 -14.09 2.06
N VAL A 312 6.75 -13.21 2.85
CA VAL A 312 6.28 -11.85 2.96
C VAL A 312 7.40 -10.80 2.77
N HIS A 313 7.01 -9.62 2.26
CA HIS A 313 7.89 -8.44 2.06
C HIS A 313 7.49 -7.34 3.04
N TRP A 314 8.41 -6.44 3.36
CA TRP A 314 8.25 -5.50 4.43
C TRP A 314 7.74 -4.09 4.05
N TYR A 315 7.52 -3.84 2.75
CA TYR A 315 7.45 -2.46 2.21
C TYR A 315 6.25 -1.71 2.74
N LEU A 316 5.13 -2.40 2.94
CA LEU A 316 3.94 -1.75 3.47
C LEU A 316 3.63 -2.15 4.91
N ASP A 317 4.64 -2.50 5.69
CA ASP A 317 4.40 -2.92 7.08
C ASP A 317 3.70 -1.88 7.97
N PHE A 318 3.94 -0.60 7.69
CA PHE A 318 3.36 0.49 8.48
C PHE A 318 1.83 0.48 8.42
N LEU A 319 1.27 -0.21 7.44
CA LEU A 319 -0.17 -0.44 7.25
C LEU A 319 -0.64 -1.78 7.83
N ALA A 320 0.29 -2.63 8.32
CA ALA A 320 -0.08 -3.98 8.70
C ALA A 320 0.49 -4.34 10.04
N PRO A 321 -0.28 -4.16 11.12
CA PRO A 321 0.21 -4.57 12.45
C PRO A 321 0.37 -6.08 12.51
N ALA A 322 1.53 -6.52 13.03
CA ALA A 322 2.00 -7.92 12.91
C ALA A 322 1.04 -8.91 13.53
N LYS A 323 0.44 -8.51 14.63
CA LYS A 323 -0.62 -9.27 15.28
C LYS A 323 -1.85 -9.60 14.40
N ALA A 324 -2.33 -8.60 13.68
CA ALA A 324 -3.51 -8.78 12.82
C ALA A 324 -3.28 -9.60 11.54
N THR A 325 -2.01 -9.73 11.13
CA THR A 325 -1.64 -10.26 9.83
C THR A 325 -0.83 -11.53 10.04
N LEU A 326 0.42 -11.37 10.50
CA LEU A 326 1.30 -12.52 10.86
C LEU A 326 0.76 -13.39 12.01
N GLY A 327 0.41 -12.75 13.11
CA GLY A 327 -0.19 -13.47 14.27
C GLY A 327 -1.46 -14.24 13.93
N GLU A 328 -2.37 -13.60 13.22
CA GLU A 328 -3.64 -14.21 12.87
C GLU A 328 -3.47 -15.33 11.85
N THR A 329 -2.49 -15.20 10.97
CA THR A 329 -2.18 -16.25 10.02
C THR A 329 -1.62 -17.48 10.70
N HIS A 330 -0.78 -17.25 11.69
CA HIS A 330 -0.22 -18.33 12.51
C HIS A 330 -1.32 -19.07 13.29
N ARG A 331 -2.21 -18.29 13.87
CA ARG A 331 -3.31 -18.86 14.60
C ARG A 331 -4.20 -19.80 13.72
N LEU A 332 -4.61 -19.36 12.52
CA LEU A 332 -5.37 -20.21 11.59
C LEU A 332 -4.57 -21.32 10.90
N PHE A 333 -3.28 -21.11 10.66
CA PHE A 333 -2.46 -22.05 9.83
C PHE A 333 -1.10 -22.25 10.50
N PRO A 334 -1.11 -22.78 11.73
CA PRO A 334 0.10 -22.91 12.52
C PRO A 334 1.18 -23.76 11.89
N ASN A 335 0.82 -24.68 10.99
CA ASN A 335 1.82 -25.56 10.41
C ASN A 335 2.39 -25.07 9.06
N THR A 336 2.01 -23.87 8.63
CA THR A 336 2.51 -23.32 7.37
C THR A 336 3.45 -22.19 7.74
N MET A 337 4.76 -22.38 7.54
CA MET A 337 5.73 -21.41 8.05
C MET A 337 5.60 -20.04 7.35
N LEU A 338 5.83 -18.98 8.11
CA LEU A 338 5.93 -17.63 7.62
C LEU A 338 7.40 -17.30 7.43
N PHE A 339 7.74 -16.68 6.30
CA PHE A 339 9.13 -16.41 5.99
C PHE A 339 9.24 -15.02 5.37
N ALA A 340 10.16 -14.18 5.85
CA ALA A 340 10.32 -12.83 5.26
C ALA A 340 11.36 -12.88 4.15
N SER A 341 10.92 -12.64 2.92
CA SER A 341 11.79 -12.95 1.80
C SER A 341 12.39 -11.72 1.10
N GLU A 342 12.01 -10.52 1.53
CA GLU A 342 12.58 -9.32 0.89
C GLU A 342 12.35 -8.01 1.65
N ALA A 343 13.44 -7.31 1.89
CA ALA A 343 13.41 -6.00 2.56
C ALA A 343 14.59 -5.15 1.97
N CYS A 344 14.41 -3.85 1.90
CA CYS A 344 15.55 -2.87 1.70
C CYS A 344 15.02 -1.51 2.09
N VAL A 345 15.92 -0.62 2.49
CA VAL A 345 15.54 0.76 2.80
C VAL A 345 15.89 1.63 1.63
N GLY A 346 15.44 2.89 1.64
CA GLY A 346 15.70 3.81 0.52
C GLY A 346 14.83 3.59 -0.71
N SER A 347 13.84 2.72 -0.58
CA SER A 347 12.88 2.41 -1.66
C SER A 347 11.83 3.52 -1.90
N LYS A 348 11.47 4.29 -0.87
CA LYS A 348 10.44 5.35 -1.03
C LYS A 348 10.90 6.48 -1.99
N PHE A 349 9.99 7.00 -2.82
CA PHE A 349 10.41 8.04 -3.81
C PHE A 349 10.97 9.32 -3.21
N TRP A 350 10.58 9.68 -2.00
CA TRP A 350 11.20 10.83 -1.37
C TRP A 350 12.48 10.51 -0.63
N GLU A 351 12.87 9.24 -0.49
CA GLU A 351 14.09 8.91 0.26
C GLU A 351 15.31 8.99 -0.64
N GLN A 352 16.42 9.42 -0.06
CA GLN A 352 17.75 9.27 -0.62
C GLN A 352 18.06 7.76 -0.69
N SER A 353 18.49 7.30 -1.85
CA SER A 353 18.67 5.88 -2.05
C SER A 353 19.70 5.25 -1.09
N VAL A 354 20.88 5.85 -1.00
CA VAL A 354 22.00 5.34 -0.25
C VAL A 354 22.45 6.45 0.74
N ARG A 355 22.39 6.15 2.03
CA ARG A 355 22.93 7.07 3.05
C ARG A 355 24.08 6.40 3.78
N LEU A 356 25.29 6.55 3.27
CA LEU A 356 26.45 5.85 3.83
C LEU A 356 26.66 6.10 5.34
N GLY A 357 26.54 5.04 6.14
CA GLY A 357 26.78 5.19 7.58
C GLY A 357 25.54 5.43 8.41
N SER A 358 24.38 5.33 7.79
CA SER A 358 23.09 5.57 8.50
C SER A 358 22.76 4.56 9.63
N TRP A 359 22.81 5.03 10.86
CA TRP A 359 22.41 4.24 12.01
C TRP A 359 20.90 3.92 12.00
N ASP A 360 20.11 4.91 11.63
CA ASP A 360 18.69 4.74 11.55
C ASP A 360 18.30 3.55 10.64
N ARG A 361 18.89 3.49 9.46
CA ARG A 361 18.60 2.37 8.57
C ARG A 361 18.98 0.99 9.17
N GLY A 362 20.07 0.92 9.92
CA GLY A 362 20.42 -0.25 10.65
C GLY A 362 19.32 -0.67 11.59
N MET A 363 18.84 0.26 12.42
CA MET A 363 17.75 0.00 13.38
C MET A 363 16.44 -0.46 12.74
N GLN A 364 16.19 0.04 11.53
CA GLN A 364 15.03 -0.40 10.81
C GLN A 364 15.14 -1.91 10.59
N TYR A 365 16.30 -2.40 10.15
CA TYR A 365 16.50 -3.84 9.96
C TYR A 365 16.25 -4.61 11.26
N SER A 366 16.95 -4.26 12.34
CA SER A 366 16.85 -5.09 13.53
C SER A 366 15.45 -4.98 14.19
N HIS A 367 14.84 -3.82 14.19
CA HIS A 367 13.44 -3.70 14.62
C HIS A 367 12.45 -4.59 13.81
N SER A 368 12.57 -4.55 12.49
CA SER A 368 11.84 -5.49 11.63
C SER A 368 12.14 -6.99 11.94
N ILE A 369 13.41 -7.38 11.96
CA ILE A 369 13.74 -8.74 12.33
C ILE A 369 13.19 -9.20 13.72
N ILE A 370 13.40 -8.42 14.76
CA ILE A 370 12.85 -8.80 16.05
C ILE A 370 11.32 -8.95 15.98
N THR A 371 10.64 -8.00 15.33
CA THR A 371 9.17 -8.01 15.24
C THR A 371 8.68 -9.22 14.48
N ASN A 372 9.33 -9.52 13.36
CA ASN A 372 9.05 -10.78 12.69
C ASN A 372 9.24 -12.04 13.57
N LEU A 373 10.39 -12.18 14.24
CA LEU A 373 10.62 -13.33 15.14
C LEU A 373 9.51 -13.48 16.21
N LEU A 374 9.05 -12.34 16.76
CA LEU A 374 8.06 -12.36 17.83
C LEU A 374 6.67 -12.78 17.32
N TYR A 375 6.45 -12.69 16.00
CA TYR A 375 5.24 -13.15 15.34
C TYR A 375 5.44 -14.35 14.41
N HIS A 376 6.33 -15.25 14.80
CA HIS A 376 6.37 -16.59 14.28
C HIS A 376 7.10 -16.79 12.99
N VAL A 377 7.79 -15.73 12.54
CA VAL A 377 8.48 -15.80 11.25
C VAL A 377 9.79 -16.59 11.40
N VAL A 378 10.06 -17.50 10.45
CA VAL A 378 11.21 -18.41 10.56
C VAL A 378 12.50 -17.94 9.90
N GLY A 379 12.44 -16.88 9.11
CA GLY A 379 13.68 -16.40 8.48
C GLY A 379 13.49 -14.99 7.94
N TRP A 380 14.60 -14.34 7.61
CA TRP A 380 14.49 -12.99 7.10
C TRP A 380 15.59 -12.80 6.08
N THR A 381 15.22 -12.28 4.90
CA THR A 381 16.12 -12.17 3.79
C THR A 381 16.22 -10.73 3.36
N ASP A 382 17.44 -10.21 3.35
CA ASP A 382 17.67 -8.91 2.75
C ASP A 382 17.50 -8.96 1.17
N TRP A 383 17.44 -7.80 0.53
CA TRP A 383 17.41 -7.73 -0.92
C TRP A 383 18.90 -7.72 -1.48
N ASN A 384 19.25 -6.91 -2.47
CA ASN A 384 20.63 -6.95 -2.98
C ASN A 384 21.76 -7.05 -1.91
N LEU A 385 22.62 -8.06 -2.09
CA LEU A 385 23.82 -8.24 -1.28
C LEU A 385 24.76 -7.03 -1.34
N ALA A 386 24.87 -6.38 -2.50
CA ALA A 386 25.76 -5.21 -2.64
C ALA A 386 25.23 -4.30 -3.74
N LEU A 387 25.50 -3.01 -3.62
CA LEU A 387 25.08 -2.07 -4.65
C LEU A 387 26.22 -1.04 -4.81
N ASN A 388 26.16 -0.23 -5.85
CA ASN A 388 27.08 0.90 -5.99
C ASN A 388 26.65 2.12 -5.16
N PRO A 389 27.49 3.19 -5.13
CA PRO A 389 27.19 4.35 -4.26
C PRO A 389 25.91 5.09 -4.67
N GLU A 390 25.38 4.83 -5.86
CA GLU A 390 24.14 5.41 -6.28
C GLU A 390 22.90 4.48 -5.97
N GLY A 391 23.15 3.25 -5.49
CA GLY A 391 22.10 2.29 -5.28
C GLY A 391 21.74 1.42 -6.49
N GLY A 392 22.66 1.30 -7.44
CA GLY A 392 22.37 0.62 -8.71
C GLY A 392 23.40 -0.43 -9.02
N PRO A 393 23.51 -0.86 -10.28
CA PRO A 393 22.69 -0.46 -11.41
C PRO A 393 21.24 -0.98 -11.34
N ASN A 394 20.36 -0.41 -12.16
CA ASN A 394 18.93 -0.73 -12.11
C ASN A 394 18.36 -0.09 -13.37
N TRP A 395 17.74 -0.92 -14.24
CA TRP A 395 17.34 -0.47 -15.57
C TRP A 395 16.19 0.56 -15.54
N VAL A 396 15.42 0.59 -14.44
CA VAL A 396 14.40 1.65 -14.30
C VAL A 396 14.78 2.70 -13.27
N ARG A 397 16.04 2.67 -12.81
CA ARG A 397 16.56 3.64 -11.85
C ARG A 397 15.81 3.55 -10.52
N ASN A 398 15.39 2.36 -10.12
CA ASN A 398 14.71 2.17 -8.85
C ASN A 398 15.78 1.87 -7.75
N PHE A 399 16.68 2.85 -7.53
CA PHE A 399 17.87 2.74 -6.67
C PHE A 399 17.45 2.64 -5.23
N VAL A 400 18.13 1.76 -4.47
CA VAL A 400 17.83 1.58 -3.05
C VAL A 400 19.16 1.48 -2.28
N ASP A 401 19.09 1.24 -0.98
CA ASP A 401 20.28 1.03 -0.15
C ASP A 401 20.60 -0.47 -0.03
N SER A 402 21.83 -0.79 0.41
CA SER A 402 22.28 -2.16 0.57
C SER A 402 23.27 -2.21 1.73
N PRO A 403 23.31 -3.30 2.49
CA PRO A 403 24.28 -3.34 3.62
C PRO A 403 25.74 -3.22 3.20
N ILE A 404 26.05 -3.49 1.92
CA ILE A 404 27.43 -3.33 1.49
C ILE A 404 27.44 -2.51 0.20
N ILE A 405 28.21 -1.43 0.21
CA ILE A 405 28.26 -0.53 -0.90
C ILE A 405 29.64 -0.65 -1.55
N VAL A 406 29.68 -0.90 -2.86
CA VAL A 406 30.95 -1.14 -3.55
C VAL A 406 31.45 0.14 -4.26
N ASP A 407 32.71 0.49 -4.06
CA ASP A 407 33.26 1.69 -4.72
C ASP A 407 34.28 1.22 -5.77
N ILE A 408 33.82 0.96 -6.98
CA ILE A 408 34.70 0.23 -7.92
C ILE A 408 36.00 0.91 -8.34
N THR A 409 35.96 2.21 -8.57
CA THR A 409 37.16 2.92 -9.01
C THR A 409 38.20 2.94 -7.91
N LYS A 410 37.83 2.54 -6.71
CA LYS A 410 38.78 2.51 -5.60
C LYS A 410 39.09 1.10 -5.07
N ASP A 411 38.48 0.10 -5.70
CA ASP A 411 38.56 -1.28 -5.22
C ASP A 411 38.28 -1.34 -3.71
N THR A 412 37.25 -0.64 -3.28
CA THR A 412 36.83 -0.52 -1.87
C THR A 412 35.36 -0.90 -1.72
N PHE A 413 35.00 -1.45 -0.57
CA PHE A 413 33.58 -1.65 -0.25
C PHE A 413 33.34 -1.18 1.16
N TYR A 414 32.11 -0.75 1.44
CA TYR A 414 31.73 -0.26 2.73
C TYR A 414 30.68 -1.12 3.39
N LYS A 415 30.96 -1.53 4.64
CA LYS A 415 29.94 -2.25 5.41
C LYS A 415 29.15 -1.26 6.27
N GLN A 416 27.85 -1.16 5.97
CA GLN A 416 27.04 -0.16 6.63
C GLN A 416 26.52 -0.72 7.93
N PRO A 417 25.96 0.14 8.79
CA PRO A 417 25.31 -0.34 10.01
C PRO A 417 24.24 -1.41 9.75
N MET A 418 23.47 -1.38 8.65
CA MET A 418 22.58 -2.50 8.33
C MET A 418 23.27 -3.86 8.37
N PHE A 419 24.52 -3.94 7.91
CA PHE A 419 25.26 -5.16 7.85
C PHE A 419 25.45 -5.68 9.27
N TYR A 420 25.82 -4.84 10.22
CA TYR A 420 26.08 -5.29 11.58
C TYR A 420 24.76 -5.61 12.31
N HIS A 421 23.70 -4.82 12.07
CA HIS A 421 22.37 -5.08 12.69
C HIS A 421 21.86 -6.46 12.29
N LEU A 422 21.97 -6.78 11.00
CA LEU A 422 21.77 -8.12 10.50
C LEU A 422 22.65 -9.16 11.17
N GLY A 423 23.96 -8.93 11.20
CA GLY A 423 24.90 -9.84 11.82
C GLY A 423 24.55 -10.20 13.25
N HIS A 424 23.87 -9.32 13.97
CA HIS A 424 23.55 -9.58 15.36
C HIS A 424 22.55 -10.73 15.49
N PHE A 425 21.83 -11.04 14.38
CA PHE A 425 20.94 -12.23 14.33
C PHE A 425 21.54 -13.41 13.58
N SER A 426 21.98 -13.16 12.34
CA SER A 426 22.44 -14.23 11.47
C SER A 426 23.62 -14.97 12.09
N LYS A 427 24.52 -14.22 12.73
CA LYS A 427 25.72 -14.84 13.24
C LYS A 427 25.44 -15.78 14.43
N PHE A 428 24.44 -15.44 15.21
CA PHE A 428 24.28 -16.06 16.51
C PHE A 428 23.01 -16.90 16.60
N ILE A 429 22.26 -17.02 15.50
CA ILE A 429 21.00 -17.73 15.49
C ILE A 429 21.01 -18.70 14.32
N PRO A 430 21.67 -19.86 14.48
CA PRO A 430 21.79 -20.80 13.39
C PRO A 430 20.48 -21.54 13.11
N GLU A 431 20.41 -22.14 11.93
CA GLU A 431 19.26 -22.94 11.52
C GLU A 431 18.88 -23.98 12.58
N GLY A 432 17.59 -24.16 12.83
CA GLY A 432 17.16 -25.09 13.90
C GLY A 432 17.09 -24.43 15.27
N SER A 433 17.63 -23.21 15.45
CA SER A 433 17.38 -22.48 16.71
C SER A 433 15.89 -22.28 16.92
N GLN A 434 15.45 -22.05 18.15
CA GLN A 434 14.02 -22.03 18.41
C GLN A 434 13.69 -20.89 19.31
N ARG A 435 12.69 -20.14 18.98
CA ARG A 435 12.36 -19.02 19.82
C ARG A 435 11.59 -19.48 21.07
N VAL A 436 11.86 -18.85 22.20
CA VAL A 436 11.21 -19.18 23.45
C VAL A 436 10.64 -17.89 24.06
N GLY A 437 9.81 -18.02 25.11
CA GLY A 437 9.14 -16.89 25.68
C GLY A 437 10.14 -15.98 26.39
N LEU A 438 9.77 -14.69 26.48
CA LEU A 438 10.57 -13.66 27.19
C LEU A 438 9.61 -12.60 27.63
N VAL A 439 9.52 -12.30 28.92
CA VAL A 439 8.58 -11.28 29.37
C VAL A 439 9.33 -10.20 30.11
N ALA A 440 8.82 -8.99 30.04
CA ALA A 440 9.43 -7.83 30.72
C ALA A 440 8.64 -7.51 32.00
N SER A 441 9.32 -7.03 33.03
CA SER A 441 8.64 -6.69 34.28
C SER A 441 7.84 -5.37 34.25
N GLN A 442 8.09 -4.53 33.26
CA GLN A 442 7.48 -3.23 33.15
C GLN A 442 7.67 -2.72 31.74
N LYS A 443 6.87 -1.73 31.37
CA LYS A 443 6.94 -1.12 30.06
C LYS A 443 8.31 -0.49 29.77
N ASN A 444 8.76 -0.58 28.54
CA ASN A 444 10.16 -0.22 28.25
C ASN A 444 10.26 0.08 26.76
N ASP A 445 11.36 0.66 26.34
CA ASP A 445 11.52 1.04 24.93
C ASP A 445 12.46 0.09 24.20
N LEU A 446 12.67 -1.09 24.75
CA LEU A 446 13.56 -2.08 24.10
C LEU A 446 12.78 -3.02 23.18
N ASP A 447 13.42 -3.49 22.12
CA ASP A 447 12.92 -4.63 21.39
C ASP A 447 13.81 -5.78 21.79
N ALA A 448 13.27 -6.91 22.20
CA ALA A 448 14.11 -8.01 22.58
C ALA A 448 13.45 -9.32 22.20
N VAL A 449 14.28 -10.31 21.87
CA VAL A 449 13.76 -11.63 21.55
C VAL A 449 14.75 -12.64 22.12
N ALA A 450 14.25 -13.77 22.64
CA ALA A 450 15.10 -14.86 23.15
C ALA A 450 14.94 -16.15 22.34
N LEU A 451 16.04 -16.85 22.08
CA LEU A 451 15.97 -18.10 21.39
C LEU A 451 16.89 -19.10 22.02
N MET A 452 16.59 -20.38 21.75
CA MET A 452 17.49 -21.48 22.13
C MET A 452 18.19 -22.07 20.92
N HIS A 453 19.50 -22.14 21.00
CA HIS A 453 20.31 -22.80 20.02
C HIS A 453 20.03 -24.31 20.03
N PRO A 454 20.32 -24.99 18.92
CA PRO A 454 20.19 -26.46 18.86
C PRO A 454 20.93 -27.20 20.03
N ASP A 455 22.14 -26.76 20.36
CA ASP A 455 22.87 -27.31 21.54
C ASP A 455 22.26 -27.01 22.89
N GLY A 456 21.15 -26.25 22.91
CA GLY A 456 20.51 -25.79 24.17
C GLY A 456 21.00 -24.48 24.79
N SER A 457 22.01 -23.82 24.25
CA SER A 457 22.42 -22.52 24.85
C SER A 457 21.44 -21.36 24.53
N ALA A 458 21.54 -20.27 25.26
CA ALA A 458 20.61 -19.17 25.07
C ALA A 458 21.23 -18.03 24.25
N VAL A 459 20.38 -17.36 23.49
CA VAL A 459 20.71 -16.18 22.69
C VAL A 459 19.61 -15.14 22.94
N VAL A 460 19.98 -13.92 23.36
CA VAL A 460 18.96 -12.88 23.51
C VAL A 460 19.45 -11.66 22.73
N VAL A 461 18.58 -11.08 21.88
CA VAL A 461 18.95 -9.87 21.16
C VAL A 461 18.14 -8.69 21.69
N VAL A 462 18.82 -7.57 22.00
CA VAL A 462 18.20 -6.41 22.62
C VAL A 462 18.55 -5.18 21.73
N LEU A 463 17.54 -4.54 21.17
CA LEU A 463 17.72 -3.28 20.46
C LEU A 463 17.13 -2.18 21.36
N ASN A 464 17.88 -1.11 21.61
CA ASN A 464 17.33 0.00 22.35
C ASN A 464 16.87 1.06 21.37
N ARG A 465 15.55 1.26 21.29
CA ARG A 465 14.97 2.22 20.32
C ARG A 465 15.01 3.69 20.79
N SER A 466 15.37 3.95 22.06
CA SER A 466 15.41 5.31 22.54
C SER A 466 16.84 5.77 22.76
N SER A 467 16.99 7.06 23.02
CA SER A 467 18.27 7.69 23.20
C SER A 467 18.81 7.50 24.62
N LYS A 468 17.99 6.93 25.51
CA LYS A 468 18.37 6.79 26.93
C LYS A 468 19.01 5.44 27.22
N ASP A 469 20.08 5.44 28.02
CA ASP A 469 20.69 4.18 28.46
C ASP A 469 19.73 3.47 29.40
N VAL A 470 19.48 2.18 29.22
CA VAL A 470 18.54 1.44 30.05
C VAL A 470 19.24 0.29 30.78
N PRO A 471 19.54 0.44 32.09
CA PRO A 471 20.07 -0.73 32.81
C PRO A 471 19.01 -1.85 32.93
N LEU A 472 19.45 -3.09 32.83
CA LEU A 472 18.49 -4.16 32.90
C LEU A 472 19.15 -5.43 33.39
N THR A 473 18.29 -6.36 33.76
CA THR A 473 18.68 -7.67 34.17
C THR A 473 17.95 -8.67 33.31
N ILE A 474 18.64 -9.74 32.92
CA ILE A 474 18.00 -10.84 32.26
C ILE A 474 18.00 -12.02 33.22
N LYS A 475 16.82 -12.58 33.47
CA LYS A 475 16.74 -13.75 34.30
C LYS A 475 16.51 -15.02 33.46
N ASP A 476 17.39 -16.00 33.64
CA ASP A 476 17.20 -17.36 33.16
C ASP A 476 16.87 -18.20 34.41
N PRO A 477 15.62 -18.68 34.54
CA PRO A 477 15.15 -19.44 35.74
C PRO A 477 15.96 -20.69 35.98
N ALA A 478 16.46 -20.90 37.20
CA ALA A 478 17.42 -22.01 37.47
C ALA A 478 18.80 -22.01 36.79
N VAL A 479 19.20 -20.91 36.13
CA VAL A 479 20.62 -20.67 35.79
C VAL A 479 21.17 -19.42 36.53
N GLY A 480 20.40 -18.32 36.58
CA GLY A 480 20.93 -17.10 37.19
C GLY A 480 20.55 -15.79 36.52
N PHE A 481 21.21 -14.71 36.91
CA PHE A 481 20.91 -13.35 36.45
C PHE A 481 22.12 -12.70 35.72
N LEU A 482 21.83 -11.97 34.64
CA LEU A 482 22.84 -11.21 33.89
C LEU A 482 22.55 -9.75 34.09
N GLU A 483 23.45 -9.02 34.74
CA GLU A 483 23.19 -7.62 35.03
C GLU A 483 23.86 -6.89 33.88
N THR A 484 23.15 -5.98 33.22
CA THR A 484 23.74 -5.35 32.06
C THR A 484 23.18 -3.95 31.86
N ILE A 485 23.66 -3.27 30.86
CA ILE A 485 23.10 -1.96 30.51
C ILE A 485 22.90 -1.94 28.99
N SER A 486 21.77 -1.39 28.54
CA SER A 486 21.58 -1.16 27.10
C SER A 486 21.71 0.35 26.74
N PRO A 487 22.86 0.75 26.20
CA PRO A 487 22.96 2.18 25.79
C PRO A 487 21.97 2.61 24.70
N GLY A 488 21.60 3.89 24.73
CA GLY A 488 20.65 4.38 23.76
C GLY A 488 21.08 4.04 22.34
N TYR A 489 20.11 3.63 21.55
CA TYR A 489 20.27 3.28 20.12
C TYR A 489 21.04 1.99 19.82
N SER A 490 21.71 1.41 20.83
CA SER A 490 22.57 0.27 20.65
C SER A 490 21.81 -1.03 20.33
N ILE A 491 22.57 -2.00 19.85
CA ILE A 491 22.05 -3.36 19.71
C ILE A 491 23.04 -4.33 20.32
N HIS A 492 22.54 -5.22 21.19
CA HIS A 492 23.34 -6.21 21.93
C HIS A 492 22.86 -7.61 21.60
N THR A 493 23.78 -8.58 21.50
CA THR A 493 23.42 -10.02 21.53
C THR A 493 24.15 -10.69 22.70
N TYR A 494 23.38 -11.44 23.49
CA TYR A 494 23.85 -12.06 24.70
C TYR A 494 23.79 -13.56 24.41
N LEU A 495 24.84 -14.26 24.75
CA LEU A 495 24.93 -15.71 24.58
C LEU A 495 25.37 -16.29 25.90
N TRP A 496 24.73 -17.35 26.36
CA TRP A 496 25.31 -18.13 27.48
C TRP A 496 24.93 -19.62 27.39
N HIS A 497 25.76 -20.50 27.94
CA HIS A 497 25.37 -21.92 28.10
C HIS A 497 24.53 -22.11 29.31
N ARG A 498 23.33 -22.66 29.18
CA ARG A 498 22.53 -22.86 30.35
C ARG A 498 22.69 -24.29 30.76
N GLN A 499 22.65 -25.15 29.73
CA GLN A 499 22.63 -26.59 29.97
C GLN A 499 23.90 -27.02 30.69
N LEU A 500 24.94 -26.19 30.65
CA LEU A 500 26.13 -26.46 31.46
C LEU A 500 25.92 -26.20 32.97
N PHE B 2 -30.20 23.68 -21.35
CA PHE B 2 -29.78 24.67 -22.39
C PHE B 2 -29.31 23.93 -23.68
N ALA B 3 -28.74 22.76 -23.48
CA ALA B 3 -28.16 21.98 -24.56
C ALA B 3 -27.22 22.71 -25.56
N ARG B 4 -26.19 23.36 -25.03
CA ARG B 4 -25.06 23.78 -25.83
C ARG B 4 -24.15 22.57 -25.83
N PRO B 5 -23.69 22.16 -27.03
CA PRO B 5 -22.82 21.00 -27.18
C PRO B 5 -21.38 21.24 -26.75
N CYS B 6 -20.69 20.16 -26.47
CA CYS B 6 -19.26 20.13 -26.22
C CYS B 6 -18.49 20.77 -27.40
N ILE B 7 -17.57 21.71 -27.13
CA ILE B 7 -16.61 22.11 -28.14
C ILE B 7 -15.39 21.22 -27.94
N PRO B 8 -15.22 20.21 -28.78
CA PRO B 8 -14.21 19.21 -28.52
C PRO B 8 -12.79 19.72 -28.88
N LYS B 9 -11.79 19.28 -28.13
CA LYS B 9 -10.39 19.52 -28.45
C LYS B 9 -9.53 18.30 -28.04
N SER B 10 -8.72 17.81 -28.98
CA SER B 10 -7.79 16.72 -28.72
C SER B 10 -6.41 17.26 -28.32
N PHE B 11 -5.73 16.59 -27.38
CA PHE B 11 -4.35 16.91 -27.03
C PHE B 11 -3.44 15.76 -27.31
N GLY B 12 -3.88 14.82 -28.13
CA GLY B 12 -3.07 13.67 -28.49
C GLY B 12 -3.36 12.40 -27.71
N TYR B 13 -4.30 12.43 -26.74
CA TYR B 13 -4.60 11.22 -25.98
C TYR B 13 -5.80 10.50 -26.57
N SER B 14 -6.38 9.55 -25.86
CA SER B 14 -7.38 8.67 -26.50
C SER B 14 -8.71 9.37 -26.79
N SER B 15 -9.01 10.48 -26.15
CA SER B 15 -10.26 11.14 -26.44
C SER B 15 -10.11 12.63 -26.32
N VAL B 16 -11.24 13.33 -26.29
CA VAL B 16 -11.23 14.82 -26.35
C VAL B 16 -11.69 15.38 -25.00
N VAL B 17 -11.29 16.63 -24.74
CA VAL B 17 -11.85 17.46 -23.71
C VAL B 17 -12.91 18.43 -24.32
N CYS B 18 -13.77 18.96 -23.46
CA CYS B 18 -14.72 20.01 -23.84
C CYS B 18 -14.25 21.37 -23.41
N VAL B 19 -14.08 22.29 -24.36
CA VAL B 19 -13.53 23.63 -24.11
C VAL B 19 -14.59 24.64 -23.67
N CYS B 20 -14.34 25.26 -22.52
CA CYS B 20 -15.22 26.29 -22.01
C CYS B 20 -14.42 27.55 -21.78
N ASN B 21 -15.09 28.69 -21.86
CA ASN B 21 -14.44 29.97 -21.60
C ASN B 21 -15.46 30.93 -21.03
N ALA B 22 -15.25 32.24 -21.17
CA ALA B 22 -16.07 33.20 -20.39
C ALA B 22 -17.47 33.32 -20.95
N THR B 23 -17.62 33.00 -22.23
CA THR B 23 -18.94 33.17 -22.83
C THR B 23 -19.55 31.82 -23.26
N TYR B 24 -18.82 30.72 -23.11
CA TYR B 24 -19.30 29.48 -23.64
C TYR B 24 -18.94 28.31 -22.73
N CYS B 25 -19.97 27.51 -22.36
CA CYS B 25 -19.74 26.20 -21.81
C CYS B 25 -20.80 25.21 -22.25
N ASP B 26 -20.41 23.96 -22.47
CA ASP B 26 -21.42 22.97 -22.88
C ASP B 26 -22.44 22.74 -21.73
N SER B 27 -23.69 22.48 -22.05
CA SER B 27 -24.64 22.27 -20.97
C SER B 27 -25.71 21.26 -21.28
N PHE B 28 -26.47 20.98 -20.27
CA PHE B 28 -27.39 19.91 -20.30
C PHE B 28 -28.64 19.93 -21.08
N ASP B 29 -28.87 18.71 -21.60
CA ASP B 29 -30.00 18.31 -22.44
C ASP B 29 -30.99 17.39 -21.68
N PRO B 30 -32.00 18.01 -20.99
CA PRO B 30 -32.94 17.29 -20.11
C PRO B 30 -34.02 16.54 -20.93
N PRO B 31 -34.56 15.39 -20.38
CA PRO B 31 -35.59 14.55 -21.04
C PRO B 31 -37.00 15.17 -21.12
N ALA B 35 -41.06 10.84 -22.09
CA ALA B 35 -42.50 10.66 -22.24
C ALA B 35 -42.89 9.30 -21.65
N LEU B 36 -43.90 8.61 -22.22
CA LEU B 36 -44.41 7.41 -21.55
C LEU B 36 -44.43 6.24 -22.48
N GLY B 37 -44.31 5.09 -21.82
CA GLY B 37 -43.70 3.88 -22.34
C GLY B 37 -42.36 4.01 -23.07
N THR B 38 -41.59 5.07 -22.84
CA THR B 38 -40.26 5.19 -23.39
C THR B 38 -39.18 5.19 -22.31
N PHE B 39 -37.97 4.91 -22.73
CA PHE B 39 -36.86 5.12 -21.84
C PHE B 39 -35.93 6.22 -22.41
N SER B 40 -35.18 6.85 -21.51
CA SER B 40 -34.14 7.78 -21.90
C SER B 40 -32.78 7.13 -21.80
N ARG B 41 -31.89 7.44 -22.74
CA ARG B 41 -30.51 6.95 -22.67
C ARG B 41 -29.59 8.15 -22.78
N TYR B 42 -28.65 8.31 -21.84
CA TYR B 42 -27.52 9.24 -22.03
C TYR B 42 -26.27 8.48 -22.38
N GLU B 43 -25.50 8.93 -23.34
CA GLU B 43 -24.36 8.15 -23.81
C GLU B 43 -23.12 9.04 -23.91
N SER B 44 -21.97 8.49 -23.50
CA SER B 44 -20.66 9.13 -23.72
C SER B 44 -19.72 8.05 -24.27
N THR B 45 -18.96 8.42 -25.29
CA THR B 45 -18.06 7.51 -25.99
C THR B 45 -16.65 8.09 -26.09
N ARG B 46 -15.67 7.18 -26.20
CA ARG B 46 -14.32 7.58 -26.51
C ARG B 46 -14.25 8.40 -27.80
N SER B 47 -15.05 8.00 -28.80
CA SER B 47 -15.11 8.72 -30.09
C SER B 47 -15.62 10.16 -29.95
N GLY B 48 -16.10 10.61 -28.80
CA GLY B 48 -16.46 12.01 -28.70
C GLY B 48 -17.86 12.34 -28.21
N ARG B 49 -18.77 11.36 -28.11
CA ARG B 49 -20.12 11.71 -27.58
C ARG B 49 -20.08 12.09 -26.11
N ARG B 50 -20.84 13.09 -25.71
CA ARG B 50 -20.74 13.61 -24.35
C ARG B 50 -22.12 13.72 -23.81
N MET B 51 -22.54 12.77 -22.96
CA MET B 51 -23.88 12.74 -22.38
C MET B 51 -24.96 13.06 -23.39
N GLU B 52 -24.87 12.48 -24.58
CA GLU B 52 -25.90 12.59 -25.60
C GLU B 52 -27.20 11.87 -25.24
N LEU B 53 -28.33 12.59 -25.38
CA LEU B 53 -29.65 12.10 -25.05
C LEU B 53 -30.26 11.40 -26.23
N SER B 54 -30.88 10.24 -26.00
CA SER B 54 -31.69 9.63 -27.05
C SER B 54 -32.79 8.87 -26.32
N MET B 55 -33.72 8.29 -27.08
CA MET B 55 -34.86 7.60 -26.50
C MET B 55 -35.24 6.35 -27.27
N GLY B 56 -35.92 5.45 -26.58
CA GLY B 56 -36.40 4.25 -27.22
C GLY B 56 -37.69 3.78 -26.55
N PRO B 57 -38.29 2.72 -27.08
CA PRO B 57 -39.53 2.19 -26.58
C PRO B 57 -39.28 1.06 -25.58
N ILE B 58 -40.13 0.99 -24.57
CA ILE B 58 -40.10 -0.13 -23.68
C ILE B 58 -41.07 -1.13 -24.33
N GLN B 59 -40.59 -2.35 -24.58
CA GLN B 59 -41.36 -3.42 -25.20
C GLN B 59 -41.99 -4.35 -24.18
N ALA B 60 -43.10 -4.97 -24.58
CA ALA B 60 -43.76 -5.94 -23.72
C ALA B 60 -43.10 -7.33 -23.70
N ASN B 61 -42.55 -7.79 -24.82
CA ASN B 61 -41.87 -9.10 -24.80
C ASN B 61 -40.41 -9.06 -25.31
N HIS B 62 -39.67 -10.13 -25.12
CA HIS B 62 -38.31 -10.28 -25.58
C HIS B 62 -38.08 -11.76 -25.89
N THR B 63 -37.37 -12.03 -26.98
CA THR B 63 -36.97 -13.41 -27.35
C THR B 63 -35.52 -13.30 -27.80
N GLY B 64 -34.74 -14.32 -27.51
CA GLY B 64 -33.40 -14.41 -28.08
C GLY B 64 -32.46 -14.91 -27.00
N THR B 65 -31.23 -15.25 -27.38
CA THR B 65 -30.24 -15.71 -26.42
C THR B 65 -29.22 -14.60 -26.05
N GLY B 66 -29.53 -13.36 -26.34
CA GLY B 66 -28.54 -12.33 -26.04
C GLY B 66 -28.42 -12.07 -24.53
N LEU B 67 -27.35 -11.37 -24.16
CA LEU B 67 -27.21 -10.84 -22.82
C LEU B 67 -28.49 -10.10 -22.33
N LEU B 68 -29.07 -10.59 -21.24
CA LEU B 68 -30.17 -9.94 -20.54
C LEU B 68 -29.76 -9.46 -19.11
N LEU B 69 -30.05 -8.20 -18.76
CA LEU B 69 -29.83 -7.76 -17.38
C LEU B 69 -31.19 -7.61 -16.73
N THR B 70 -31.42 -8.31 -15.62
CA THR B 70 -32.76 -8.25 -14.98
C THR B 70 -32.77 -7.48 -13.67
N LEU B 71 -33.50 -6.38 -13.63
CA LEU B 71 -33.77 -5.70 -12.39
C LEU B 71 -34.46 -6.59 -11.39
N GLN B 72 -34.03 -6.49 -10.14
CA GLN B 72 -34.80 -7.07 -9.03
C GLN B 72 -35.16 -5.93 -8.07
N PRO B 73 -36.22 -5.21 -8.41
CA PRO B 73 -36.57 -3.97 -7.72
C PRO B 73 -37.01 -4.17 -6.28
N GLU B 74 -37.23 -5.42 -5.89
CA GLU B 74 -37.66 -5.70 -4.52
C GLU B 74 -36.47 -6.06 -3.61
N GLN B 75 -35.32 -6.40 -4.21
CA GLN B 75 -34.06 -6.44 -3.47
C GLN B 75 -33.54 -5.03 -3.26
N LYS B 76 -33.56 -4.56 -2.03
CA LYS B 76 -33.19 -3.19 -1.70
C LYS B 76 -31.92 -3.17 -0.89
N PHE B 77 -30.94 -2.37 -1.33
CA PHE B 77 -29.68 -2.29 -0.65
C PHE B 77 -29.56 -0.88 -0.09
N GLN B 78 -28.42 -0.20 -0.29
CA GLN B 78 -28.16 1.05 0.45
C GLN B 78 -28.81 2.25 -0.23
N LYS B 79 -29.13 3.28 0.58
CA LYS B 79 -29.44 4.61 0.07
C LYS B 79 -28.24 5.53 -0.15
N VAL B 80 -28.32 6.35 -1.19
CA VAL B 80 -27.23 7.16 -1.63
C VAL B 80 -27.24 8.52 -0.94
N LYS B 81 -26.08 8.87 -0.40
CA LYS B 81 -25.76 10.18 0.08
C LYS B 81 -25.46 11.14 -1.08
N GLY B 82 -24.55 10.75 -1.96
CA GLY B 82 -24.27 11.62 -3.07
C GLY B 82 -22.86 11.58 -3.59
N PHE B 83 -22.58 12.57 -4.42
CA PHE B 83 -21.34 12.68 -5.18
C PHE B 83 -20.80 14.11 -5.13
N GLY B 84 -19.48 14.27 -5.15
CA GLY B 84 -18.91 15.60 -5.18
C GLY B 84 -17.42 15.66 -5.36
N GLY B 85 -16.82 16.73 -4.89
CA GLY B 85 -15.35 16.84 -4.98
C GLY B 85 -14.83 17.74 -3.91
N ALA B 86 -13.51 18.02 -3.95
CA ALA B 86 -12.86 18.77 -2.88
C ALA B 86 -12.51 20.20 -3.22
N MET B 87 -12.83 21.13 -2.29
CA MET B 87 -12.43 22.56 -2.44
C MET B 87 -11.14 22.77 -1.64
N THR B 88 -10.03 22.31 -2.22
CA THR B 88 -8.70 22.55 -1.72
C THR B 88 -8.26 23.99 -2.03
N ASP B 89 -7.18 24.44 -1.38
CA ASP B 89 -6.54 25.73 -1.75
C ASP B 89 -6.22 25.75 -3.24
N ALA B 90 -5.62 24.70 -3.78
CA ALA B 90 -5.27 24.65 -5.19
C ALA B 90 -6.49 24.79 -6.11
N ALA B 91 -7.58 24.09 -5.80
CA ALA B 91 -8.82 24.21 -6.57
C ALA B 91 -9.30 25.65 -6.55
N ALA B 92 -9.31 26.26 -5.36
CA ALA B 92 -9.79 27.65 -5.22
C ALA B 92 -8.91 28.62 -6.00
N LEU B 93 -7.58 28.46 -5.94
CA LEU B 93 -6.73 29.40 -6.63
C LEU B 93 -6.88 29.25 -8.13
N ASN B 94 -7.09 28.01 -8.57
CA ASN B 94 -7.29 27.80 -10.00
C ASN B 94 -8.62 28.41 -10.50
N ILE B 95 -9.69 28.20 -9.74
CA ILE B 95 -11.03 28.67 -10.21
C ILE B 95 -11.07 30.19 -10.23
N LEU B 96 -10.50 30.79 -9.18
CA LEU B 96 -10.39 32.22 -9.05
C LEU B 96 -9.35 32.84 -10.00
N ALA B 97 -8.62 32.08 -10.80
CA ALA B 97 -7.72 32.73 -11.75
C ALA B 97 -8.45 32.97 -13.10
N LEU B 98 -9.67 32.43 -13.23
CA LEU B 98 -10.52 32.72 -14.38
C LEU B 98 -11.23 34.08 -14.21
N SER B 99 -11.70 34.67 -15.30
CA SER B 99 -12.57 35.84 -15.18
C SER B 99 -13.89 35.42 -14.51
N PRO B 100 -14.58 36.35 -13.82
CA PRO B 100 -15.77 35.90 -13.04
C PRO B 100 -16.85 35.15 -13.85
N PRO B 101 -17.03 35.50 -15.12
CA PRO B 101 -18.02 34.77 -15.92
C PRO B 101 -17.60 33.29 -16.20
N ALA B 102 -16.33 33.06 -16.49
CA ALA B 102 -15.82 31.71 -16.66
C ALA B 102 -15.92 30.97 -15.34
N GLN B 103 -15.63 31.64 -14.22
CA GLN B 103 -15.77 31.03 -12.92
C GLN B 103 -17.18 30.50 -12.72
N ASN B 104 -18.19 31.30 -13.10
CA ASN B 104 -19.60 30.87 -12.90
C ASN B 104 -19.96 29.69 -13.77
N LEU B 105 -19.47 29.70 -15.00
CA LEU B 105 -19.65 28.56 -15.87
C LEU B 105 -19.04 27.28 -15.28
N LEU B 106 -17.86 27.40 -14.66
CA LEU B 106 -17.19 26.27 -14.07
C LEU B 106 -18.00 25.75 -12.82
N LEU B 107 -18.47 26.67 -11.98
CA LEU B 107 -19.30 26.23 -10.86
C LEU B 107 -20.65 25.68 -11.30
N LYS B 108 -21.21 26.27 -12.35
CA LYS B 108 -22.45 25.74 -12.90
C LYS B 108 -22.29 24.34 -13.54
N SER B 109 -21.18 24.06 -14.22
CA SER B 109 -20.85 22.70 -14.69
C SER B 109 -20.98 21.64 -13.59
N TYR B 110 -20.47 21.95 -12.41
CA TYR B 110 -20.51 21.01 -11.30
C TYR B 110 -21.84 20.96 -10.55
N PHE B 111 -22.39 22.13 -10.22
CA PHE B 111 -23.43 22.21 -9.20
C PHE B 111 -24.86 22.50 -9.66
N SER B 112 -25.02 23.15 -10.81
CA SER B 112 -26.38 23.46 -11.26
C SER B 112 -27.08 22.33 -12.05
N GLU B 113 -28.36 22.58 -12.36
CA GLU B 113 -29.19 21.68 -13.12
C GLU B 113 -28.78 21.66 -14.58
N GLU B 114 -28.14 22.71 -15.03
CA GLU B 114 -27.51 22.68 -16.34
C GLU B 114 -26.15 21.95 -16.34
N GLY B 115 -25.61 21.62 -15.16
CA GLY B 115 -24.41 20.81 -15.06
C GLY B 115 -24.70 19.43 -14.50
N ILE B 116 -23.79 18.87 -13.72
CA ILE B 116 -23.92 17.47 -13.32
C ILE B 116 -24.42 17.29 -11.87
N GLY B 117 -24.91 18.34 -11.21
CA GLY B 117 -25.60 18.11 -9.93
C GLY B 117 -24.84 17.53 -8.72
N TYR B 118 -23.56 17.86 -8.57
CA TYR B 118 -22.83 17.56 -7.36
C TYR B 118 -23.61 18.01 -6.13
N ASN B 119 -23.55 17.23 -5.06
CA ASN B 119 -24.17 17.65 -3.81
C ASN B 119 -23.22 17.43 -2.60
N ILE B 120 -21.94 17.24 -2.84
CA ILE B 120 -21.01 17.04 -1.74
C ILE B 120 -19.77 17.90 -2.02
N ILE B 121 -19.28 18.61 -1.00
CA ILE B 121 -17.99 19.31 -1.12
C ILE B 121 -17.10 18.94 0.05
N ARG B 122 -15.91 18.40 -0.24
CA ARG B 122 -14.97 18.07 0.86
C ARG B 122 -14.06 19.29 1.02
N VAL B 123 -13.83 19.69 2.27
CA VAL B 123 -13.08 20.88 2.64
C VAL B 123 -11.94 20.46 3.58
N PRO B 124 -10.67 20.73 3.19
CA PRO B 124 -9.59 20.46 4.16
C PRO B 124 -9.67 21.45 5.32
N MET B 125 -9.37 20.95 6.52
CA MET B 125 -9.16 21.77 7.70
C MET B 125 -7.68 22.20 7.76
N ALA B 126 -7.46 23.45 7.35
CA ALA B 126 -6.13 24.01 7.15
C ALA B 126 -5.39 23.31 5.99
N SER B 127 -4.07 23.31 5.98
CA SER B 127 -3.34 23.01 4.74
C SER B 127 -3.12 21.51 4.50
N CYS B 128 -3.03 21.17 3.22
CA CYS B 128 -2.60 19.84 2.80
C CYS B 128 -1.57 20.06 1.65
N ASP B 129 -1.28 19.03 0.86
CA ASP B 129 -0.20 19.16 -0.13
C ASP B 129 -0.70 20.08 -1.26
N PHE B 130 -2.01 20.04 -1.51
CA PHE B 130 -2.64 20.98 -2.47
C PHE B 130 -2.89 22.34 -1.84
N SER B 131 -1.81 22.87 -1.26
CA SER B 131 -1.78 24.22 -0.64
C SER B 131 -0.47 24.81 -1.15
N ILE B 132 -0.35 26.14 -1.25
CA ILE B 132 0.93 26.72 -1.60
C ILE B 132 1.82 27.10 -0.40
N ARG B 133 1.31 27.09 0.81
CA ARG B 133 2.17 27.15 2.00
C ARG B 133 1.64 26.21 3.10
N THR B 134 2.42 25.98 4.14
CA THR B 134 2.00 25.12 5.23
C THR B 134 1.52 26.03 6.34
N TYR B 135 0.41 25.67 7.00
CA TYR B 135 -0.19 26.47 8.07
C TYR B 135 -1.23 25.56 8.73
N THR B 136 -1.51 25.80 10.01
CA THR B 136 -2.75 25.30 10.63
C THR B 136 -3.53 26.49 11.15
N TYR B 137 -4.63 26.24 11.85
CA TYR B 137 -5.44 27.35 12.39
C TYR B 137 -4.93 27.82 13.77
N ALA B 138 -3.99 27.10 14.35
CA ALA B 138 -3.51 27.52 15.68
C ALA B 138 -1.98 27.30 15.75
N ASP B 139 -1.24 28.14 15.02
CA ASP B 139 0.20 27.97 14.92
C ASP B 139 1.02 28.69 16.00
N THR B 140 0.38 29.51 16.84
CA THR B 140 1.04 30.08 18.04
C THR B 140 1.31 28.95 19.01
N PRO B 141 2.58 28.75 19.35
CA PRO B 141 3.04 27.58 20.10
C PRO B 141 2.49 27.53 21.53
N ASP B 142 2.02 26.36 21.93
CA ASP B 142 1.55 26.10 23.30
C ASP B 142 0.27 26.81 23.65
N ASP B 143 -0.46 27.20 22.62
CA ASP B 143 -1.75 27.82 22.76
C ASP B 143 -2.83 26.77 23.13
N PHE B 144 -2.63 26.07 24.26
CA PHE B 144 -3.57 25.03 24.64
C PHE B 144 -4.97 25.56 24.77
N GLN B 145 -5.13 26.84 25.10
CA GLN B 145 -6.47 27.49 25.14
C GLN B 145 -7.09 27.71 23.77
N LEU B 146 -6.27 27.67 22.72
CA LEU B 146 -6.74 28.02 21.39
C LEU B 146 -7.34 29.43 21.34
N HIS B 147 -6.74 30.36 22.11
CA HIS B 147 -7.13 31.79 22.06
C HIS B 147 -6.79 32.40 20.71
N ASN B 148 -5.73 31.89 20.10
CA ASN B 148 -5.23 32.41 18.84
C ASN B 148 -5.66 31.61 17.57
N PHE B 149 -6.68 30.78 17.70
CA PHE B 149 -7.20 30.03 16.56
C PHE B 149 -7.81 31.05 15.58
N SER B 150 -7.42 30.97 14.33
CA SER B 150 -8.15 31.75 13.36
C SER B 150 -7.98 31.25 11.97
N LEU B 151 -8.97 31.52 11.13
CA LEU B 151 -8.93 31.19 9.69
C LEU B 151 -8.07 32.19 8.90
N PRO B 152 -7.10 31.69 8.11
CA PRO B 152 -6.37 32.65 7.31
C PRO B 152 -7.15 32.96 6.03
N GLU B 153 -6.61 33.82 5.17
CA GLU B 153 -7.24 34.15 3.91
C GLU B 153 -7.52 32.98 2.95
N GLU B 154 -6.76 31.89 3.04
CA GLU B 154 -7.09 30.72 2.22
C GLU B 154 -8.55 30.34 2.47
N ASP B 155 -9.01 30.46 3.71
CA ASP B 155 -10.39 30.16 3.99
C ASP B 155 -11.30 31.37 3.69
N THR B 156 -10.96 32.55 4.23
CA THR B 156 -11.93 33.65 4.21
C THR B 156 -12.02 34.35 2.87
N LYS B 157 -11.00 34.27 2.05
CA LYS B 157 -11.01 34.97 0.78
C LYS B 157 -11.11 33.98 -0.37
N LEU B 158 -10.71 32.74 -0.15
CA LEU B 158 -10.71 31.80 -1.27
C LEU B 158 -11.78 30.73 -1.17
N LYS B 159 -11.65 29.83 -0.19
CA LYS B 159 -12.54 28.68 -0.11
C LYS B 159 -14.00 29.04 0.26
N ILE B 160 -14.15 29.92 1.28
CA ILE B 160 -15.47 30.18 1.85
C ILE B 160 -16.35 30.90 0.82
N PRO B 161 -15.82 31.92 0.14
CA PRO B 161 -16.64 32.57 -0.89
C PRO B 161 -17.01 31.66 -2.06
N LEU B 162 -16.11 30.78 -2.53
CA LEU B 162 -16.42 29.82 -3.60
C LEU B 162 -17.44 28.78 -3.17
N ILE B 163 -17.33 28.32 -1.93
CA ILE B 163 -18.33 27.43 -1.41
C ILE B 163 -19.71 28.11 -1.41
N HIS B 164 -19.82 29.36 -0.94
CA HIS B 164 -21.10 30.06 -0.99
C HIS B 164 -21.61 30.19 -2.38
N ARG B 165 -20.73 30.55 -3.31
CA ARG B 165 -21.20 30.67 -4.69
C ARG B 165 -21.70 29.32 -5.25
N ALA B 166 -20.98 28.23 -4.91
CA ALA B 166 -21.45 26.86 -5.23
C ALA B 166 -22.87 26.60 -4.72
N LEU B 167 -23.11 26.85 -3.42
CA LEU B 167 -24.44 26.64 -2.81
C LEU B 167 -25.52 27.51 -3.47
N GLN B 168 -25.18 28.73 -3.82
CA GLN B 168 -26.14 29.63 -4.53
C GLN B 168 -26.58 29.14 -5.89
N LEU B 169 -25.70 28.41 -6.57
CA LEU B 169 -25.92 27.91 -7.91
C LEU B 169 -26.45 26.50 -7.83
N ALA B 170 -26.45 25.89 -6.65
CA ALA B 170 -26.76 24.47 -6.61
C ALA B 170 -28.25 24.18 -6.83
N GLN B 171 -28.49 23.11 -7.59
CA GLN B 171 -29.80 22.60 -7.83
C GLN B 171 -30.33 21.79 -6.64
N ARG B 172 -29.44 21.09 -5.94
CA ARG B 172 -29.80 20.21 -4.82
C ARG B 172 -29.12 20.64 -3.52
N PRO B 173 -29.65 20.23 -2.37
CA PRO B 173 -28.99 20.61 -1.09
C PRO B 173 -27.59 19.97 -1.03
N VAL B 174 -26.58 20.77 -0.70
CA VAL B 174 -25.18 20.34 -0.73
C VAL B 174 -24.68 20.00 0.68
N SER B 175 -23.95 18.90 0.83
CA SER B 175 -23.39 18.52 2.12
C SER B 175 -21.90 18.80 2.15
N LEU B 176 -21.40 19.37 3.24
CA LEU B 176 -20.00 19.69 3.35
C LEU B 176 -19.36 18.66 4.28
N LEU B 177 -18.14 18.25 3.94
CA LEU B 177 -17.45 17.27 4.73
C LEU B 177 -16.06 17.85 5.01
N ALA B 178 -15.61 17.82 6.26
CA ALA B 178 -14.31 18.41 6.56
C ALA B 178 -13.35 17.31 6.97
N SER B 179 -12.06 17.49 6.71
CA SER B 179 -11.04 16.52 7.20
C SER B 179 -9.75 17.28 7.46
N PRO B 180 -9.02 16.95 8.54
CA PRO B 180 -7.75 17.62 8.76
C PRO B 180 -6.59 16.73 8.26
N TRP B 181 -5.50 17.33 7.77
CA TRP B 181 -4.27 16.57 7.44
C TRP B 181 -3.39 16.55 8.67
N THR B 182 -3.04 17.73 9.19
CA THR B 182 -2.15 17.81 10.35
C THR B 182 -2.77 18.72 11.42
N SER B 183 -2.36 18.50 12.67
CA SER B 183 -2.56 19.41 13.80
C SER B 183 -1.43 20.43 13.89
N PRO B 184 -1.60 21.50 14.73
CA PRO B 184 -0.43 22.36 15.07
C PRO B 184 0.75 21.48 15.49
N THR B 185 1.96 21.89 15.09
CA THR B 185 3.16 21.11 15.37
C THR B 185 3.52 20.92 16.84
N TRP B 186 3.06 21.84 17.69
CA TRP B 186 3.42 21.82 19.10
C TRP B 186 2.51 20.82 19.75
N LEU B 187 1.61 20.20 19.00
CA LEU B 187 0.86 19.08 19.61
C LEU B 187 1.42 17.74 19.20
N LYS B 188 2.49 17.72 18.38
CA LYS B 188 2.89 16.46 17.76
C LYS B 188 4.20 15.94 18.31
N THR B 189 4.37 14.61 18.38
CA THR B 189 5.61 14.03 18.87
C THR B 189 6.85 14.45 18.09
N ASN B 190 6.71 14.84 16.82
CA ASN B 190 7.90 15.20 16.07
C ASN B 190 8.05 16.69 15.76
N GLY B 191 7.13 17.53 16.23
CA GLY B 191 7.25 18.95 15.99
C GLY B 191 7.32 19.39 14.55
N ALA B 192 6.72 18.65 13.62
CA ALA B 192 6.68 19.10 12.22
C ALA B 192 5.33 18.76 11.58
N VAL B 193 5.00 19.42 10.46
CA VAL B 193 3.66 19.18 9.84
C VAL B 193 3.61 17.86 9.11
N ASN B 194 4.79 17.36 8.71
CA ASN B 194 4.97 16.05 8.02
C ASN B 194 5.90 15.05 8.74
N GLY B 195 6.28 13.99 8.04
CA GLY B 195 7.09 12.94 8.65
C GLY B 195 6.32 12.07 9.67
N LYS B 196 7.00 11.11 10.27
CA LYS B 196 6.35 10.20 11.15
C LYS B 196 6.14 10.87 12.49
N GLY B 197 4.89 10.93 12.96
CA GLY B 197 4.57 11.61 14.20
C GLY B 197 3.07 11.62 14.50
N SER B 198 2.75 11.68 15.79
CA SER B 198 1.38 11.67 16.21
C SER B 198 1.20 12.65 17.35
N LEU B 199 -0.02 12.75 17.86
CA LEU B 199 -0.30 13.60 19.01
C LEU B 199 0.57 13.15 20.15
N LYS B 200 1.11 14.09 20.92
CA LYS B 200 1.86 13.70 22.11
C LYS B 200 0.88 13.09 23.14
N GLY B 201 1.41 12.25 24.04
CA GLY B 201 0.67 11.75 25.18
C GLY B 201 -0.29 10.65 24.83
N GLN B 202 -1.44 10.61 25.50
CA GLN B 202 -2.39 9.56 25.23
C GLN B 202 -3.83 10.10 25.22
N PRO B 203 -4.71 9.43 24.49
CA PRO B 203 -6.08 9.99 24.49
C PRO B 203 -6.61 10.22 25.89
N GLY B 204 -7.41 11.26 26.04
CA GLY B 204 -7.95 11.58 27.35
C GLY B 204 -7.12 12.69 28.03
N ASP B 205 -5.91 12.96 27.54
CA ASP B 205 -5.06 13.98 28.15
C ASP B 205 -5.16 15.38 27.50
N ILE B 206 -4.37 16.34 27.99
CA ILE B 206 -4.46 17.72 27.50
C ILE B 206 -4.21 17.90 25.99
N TYR B 207 -3.28 17.13 25.39
CA TYR B 207 -2.97 17.31 23.94
C TYR B 207 -4.14 16.85 23.07
N HIS B 208 -4.69 15.68 23.39
CA HIS B 208 -5.93 15.16 22.81
C HIS B 208 -7.19 16.03 23.05
N GLN B 209 -7.35 16.47 24.30
CA GLN B 209 -8.41 17.40 24.64
C GLN B 209 -8.29 18.70 23.76
N THR B 210 -7.06 19.19 23.54
CA THR B 210 -6.87 20.39 22.73
C THR B 210 -7.16 20.15 21.25
N TRP B 211 -6.78 18.97 20.75
CA TRP B 211 -7.02 18.64 19.35
C TRP B 211 -8.50 18.51 19.12
N ALA B 212 -9.22 17.84 20.02
CA ALA B 212 -10.68 17.74 19.83
C ALA B 212 -11.30 19.14 19.80
N ARG B 213 -10.86 20.08 20.67
CA ARG B 213 -11.48 21.42 20.70
C ARG B 213 -11.24 22.21 19.44
N TYR B 214 -10.08 21.97 18.83
CA TYR B 214 -9.76 22.54 17.52
C TYR B 214 -10.80 22.25 16.45
N PHE B 215 -11.35 21.04 16.45
CA PHE B 215 -12.44 20.65 15.54
C PHE B 215 -13.66 21.52 15.80
N VAL B 216 -14.02 21.67 17.07
CA VAL B 216 -15.19 22.51 17.45
C VAL B 216 -14.94 23.98 17.04
N LYS B 217 -13.70 24.44 17.26
CA LYS B 217 -13.32 25.80 16.84
C LYS B 217 -13.44 26.02 15.33
N PHE B 218 -12.92 25.10 14.54
CA PHE B 218 -13.13 25.09 13.08
C PHE B 218 -14.62 25.19 12.73
N LEU B 219 -15.42 24.27 13.28
CA LEU B 219 -16.87 24.29 13.03
C LEU B 219 -17.45 25.67 13.43
N ASP B 220 -17.02 26.21 14.57
CA ASP B 220 -17.54 27.52 15.05
C ASP B 220 -17.22 28.62 14.04
N ALA B 221 -15.98 28.62 13.59
CA ALA B 221 -15.54 29.64 12.63
C ALA B 221 -16.27 29.63 11.30
N TYR B 222 -16.57 28.43 10.79
CA TYR B 222 -17.25 28.27 9.51
C TYR B 222 -18.72 28.63 9.72
N ALA B 223 -19.27 28.31 10.89
CA ALA B 223 -20.69 28.67 11.16
C ALA B 223 -20.87 30.20 11.24
N GLU B 224 -19.89 30.94 11.79
CA GLU B 224 -19.91 32.41 11.74
C GLU B 224 -19.88 32.92 10.30
N HIS B 225 -19.37 32.10 9.38
CA HIS B 225 -19.34 32.51 7.98
C HIS B 225 -20.53 31.93 7.25
N LYS B 226 -21.49 31.41 8.03
CA LYS B 226 -22.76 30.90 7.55
C LYS B 226 -22.65 29.59 6.80
N LEU B 227 -21.64 28.79 7.14
CA LEU B 227 -21.47 27.45 6.55
C LEU B 227 -21.60 26.40 7.64
N GLN B 228 -22.46 25.42 7.41
CA GLN B 228 -22.53 24.33 8.33
C GLN B 228 -22.13 22.98 7.67
N PHE B 229 -21.54 22.09 8.48
CA PHE B 229 -21.07 20.77 8.03
C PHE B 229 -22.03 19.61 8.24
N TRP B 230 -22.06 18.72 7.26
CA TRP B 230 -22.83 17.51 7.39
C TRP B 230 -21.96 16.49 8.19
N ALA B 231 -20.64 16.39 7.91
CA ALA B 231 -19.78 15.37 8.54
C ALA B 231 -18.36 15.88 8.69
N VAL B 232 -17.61 15.32 9.63
CA VAL B 232 -16.18 15.48 9.70
C VAL B 232 -15.57 14.07 9.76
N THR B 233 -14.30 13.95 9.37
CA THR B 233 -13.59 12.66 9.50
C THR B 233 -12.59 12.88 10.59
N ALA B 234 -12.21 11.81 11.27
CA ALA B 234 -11.35 11.90 12.43
C ALA B 234 -9.92 12.27 12.07
N GLU B 235 -9.51 12.03 10.82
CA GLU B 235 -8.17 12.42 10.34
C GLU B 235 -8.04 11.93 8.93
N ASN B 236 -7.45 12.74 8.04
CA ASN B 236 -7.24 12.26 6.67
C ASN B 236 -6.11 11.22 6.73
N GLU B 237 -6.36 10.01 6.24
CA GLU B 237 -5.26 9.01 6.13
C GLU B 237 -4.41 8.89 7.33
N PRO B 238 -5.01 8.52 8.49
CA PRO B 238 -4.27 8.36 9.79
C PRO B 238 -3.04 7.43 9.67
N SER B 239 -3.07 6.46 8.76
CA SER B 239 -1.90 5.58 8.64
C SER B 239 -0.61 6.26 8.02
N ALA B 240 -0.80 7.36 7.27
CA ALA B 240 0.33 8.09 6.67
C ALA B 240 1.32 8.60 7.71
N GLY B 241 0.79 9.13 8.81
CA GLY B 241 1.61 9.60 9.89
C GLY B 241 2.41 8.52 10.59
N LEU B 242 2.19 7.25 10.24
CA LEU B 242 2.98 6.17 10.84
C LEU B 242 4.20 5.88 9.98
N LEU B 243 4.35 6.61 8.89
CA LEU B 243 5.42 6.28 7.92
C LEU B 243 6.55 7.30 7.97
N SER B 244 7.73 6.81 8.23
CA SER B 244 8.94 7.61 8.31
C SER B 244 9.21 8.40 7.02
N GLY B 245 9.46 9.70 7.17
CA GLY B 245 9.72 10.57 6.05
C GLY B 245 8.48 11.06 5.30
N TYR B 246 7.29 10.67 5.74
CA TYR B 246 6.11 10.92 4.91
C TYR B 246 6.13 12.39 4.56
N PRO B 247 6.04 12.70 3.26
CA PRO B 247 6.51 14.02 2.76
C PRO B 247 5.58 15.20 3.01
N PHE B 248 4.30 14.97 3.21
CA PHE B 248 3.45 16.15 3.46
C PHE B 248 2.57 16.05 4.70
N GLN B 249 1.67 17.01 4.89
CA GLN B 249 0.97 17.13 6.17
C GLN B 249 0.24 15.83 6.55
N CYS B 250 0.41 15.42 7.79
CA CYS B 250 -0.14 14.14 8.24
C CYS B 250 -0.12 14.05 9.77
N LEU B 251 -0.74 13.03 10.34
CA LEU B 251 -0.82 12.89 11.74
C LEU B 251 -1.18 11.44 11.98
N GLY B 252 -0.25 10.67 12.58
CA GLY B 252 -0.40 9.22 12.63
C GLY B 252 -1.33 8.72 13.71
N PHE B 253 -2.22 7.78 13.35
CA PHE B 253 -2.97 7.09 14.43
C PHE B 253 -2.97 5.63 14.09
N THR B 254 -2.64 4.74 15.01
CA THR B 254 -3.06 3.32 14.88
C THR B 254 -4.59 3.23 15.10
N PRO B 255 -5.23 2.10 14.70
CA PRO B 255 -6.68 2.02 14.95
C PRO B 255 -7.09 2.11 16.44
N GLU B 256 -6.22 1.64 17.35
CA GLU B 256 -6.40 1.72 18.84
C GLU B 256 -6.35 3.17 19.27
N HIS B 257 -5.43 3.91 18.69
CA HIS B 257 -5.27 5.30 19.08
C HIS B 257 -6.52 6.06 18.60
N GLN B 258 -6.97 5.75 17.38
CA GLN B 258 -8.16 6.40 16.81
C GLN B 258 -9.42 6.03 17.60
N ARG B 259 -9.57 4.73 17.91
CA ARG B 259 -10.60 4.27 18.86
C ARG B 259 -10.66 5.09 20.16
N ASP B 260 -9.53 5.17 20.87
CA ASP B 260 -9.51 5.83 22.21
C ASP B 260 -9.64 7.38 22.10
N PHE B 261 -9.13 7.96 21.03
CA PHE B 261 -9.37 9.37 20.77
C PHE B 261 -10.84 9.73 20.50
N ILE B 262 -11.51 8.95 19.65
CA ILE B 262 -12.90 9.18 19.40
C ILE B 262 -13.70 8.96 20.71
N ALA B 263 -13.42 7.89 21.47
CA ALA B 263 -14.17 7.53 22.70
C ALA B 263 -14.00 8.52 23.88
N ARG B 264 -12.75 8.90 24.15
CA ARG B 264 -12.43 9.83 25.25
C ARG B 264 -12.53 11.33 24.91
N ASP B 265 -12.22 11.76 23.69
CA ASP B 265 -12.01 13.20 23.39
C ASP B 265 -12.92 13.72 22.25
N LEU B 266 -12.76 13.19 21.04
CA LEU B 266 -13.47 13.78 19.90
C LEU B 266 -14.97 13.58 19.96
N GLY B 267 -15.43 12.33 20.18
CA GLY B 267 -16.86 12.11 20.33
C GLY B 267 -17.52 12.99 21.41
N PRO B 268 -17.04 12.93 22.67
CA PRO B 268 -17.61 13.70 23.77
C PRO B 268 -17.59 15.19 23.48
N THR B 269 -16.50 15.65 22.87
CA THR B 269 -16.35 17.09 22.61
C THR B 269 -17.35 17.61 21.57
N LEU B 270 -17.56 16.87 20.48
CA LEU B 270 -18.53 17.25 19.48
C LEU B 270 -19.91 17.12 20.06
N ALA B 271 -20.16 16.03 20.79
CA ALA B 271 -21.48 15.74 21.33
C ALA B 271 -21.94 16.81 22.35
N ASN B 272 -20.98 17.45 23.00
CA ASN B 272 -21.26 18.49 23.98
C ASN B 272 -21.27 19.90 23.37
N SER B 273 -21.34 19.99 22.05
CA SER B 273 -21.26 21.29 21.40
C SER B 273 -22.52 21.56 20.59
N THR B 274 -22.63 22.77 20.08
CA THR B 274 -23.74 23.19 19.23
C THR B 274 -23.71 22.40 17.91
N HIS B 275 -22.61 21.69 17.69
CA HIS B 275 -22.40 20.96 16.45
C HIS B 275 -22.59 19.47 16.66
N HIS B 276 -23.32 19.11 17.73
CA HIS B 276 -23.56 17.70 18.04
C HIS B 276 -24.24 16.87 16.90
N ASN B 277 -24.92 17.51 15.94
CA ASN B 277 -25.57 16.79 14.84
C ASN B 277 -24.67 16.53 13.64
N VAL B 278 -23.49 17.13 13.60
CA VAL B 278 -22.46 16.75 12.62
C VAL B 278 -22.08 15.25 12.71
N ARG B 279 -22.16 14.50 11.62
CA ARG B 279 -21.68 13.10 11.62
C ARG B 279 -20.16 12.99 11.74
N LEU B 280 -19.70 11.94 12.41
CA LEU B 280 -18.29 11.63 12.47
C LEU B 280 -17.99 10.36 11.69
N LEU B 281 -17.05 10.46 10.74
CA LEU B 281 -16.61 9.31 9.94
C LEU B 281 -15.23 8.87 10.41
N MET B 282 -15.07 7.56 10.64
CA MET B 282 -13.76 7.02 10.99
C MET B 282 -13.02 6.58 9.69
N LEU B 283 -11.76 6.20 9.90
CA LEU B 283 -10.87 5.66 8.87
C LEU B 283 -10.36 6.75 7.91
N ASP B 284 -11.15 7.12 6.89
CA ASP B 284 -10.68 8.09 5.87
C ASP B 284 -9.34 7.69 5.27
N ASP B 285 -9.25 6.41 4.89
CA ASP B 285 -8.03 5.80 4.48
C ASP B 285 -8.27 4.61 3.50
N GLN B 286 -7.19 3.98 3.08
CA GLN B 286 -7.22 2.85 2.14
C GLN B 286 -8.17 1.72 2.55
N ARG B 287 -8.93 1.17 1.62
CA ARG B 287 -9.91 0.16 2.07
C ARG B 287 -9.30 -1.14 2.50
N LEU B 288 -8.01 -1.37 2.19
CA LEU B 288 -7.31 -2.60 2.64
C LEU B 288 -7.29 -2.66 4.16
N LEU B 289 -7.56 -1.51 4.81
CA LEU B 289 -7.54 -1.41 6.26
C LEU B 289 -8.82 -1.95 6.89
N LEU B 290 -9.82 -2.18 6.04
CA LEU B 290 -11.10 -2.85 6.43
C LEU B 290 -10.98 -4.34 6.18
N PRO B 291 -11.59 -5.21 7.03
CA PRO B 291 -12.45 -4.81 8.14
C PRO B 291 -11.75 -4.56 9.47
N HIS B 292 -10.46 -4.77 9.54
CA HIS B 292 -9.70 -4.68 10.81
C HIS B 292 -9.95 -3.40 11.59
N TRP B 293 -9.79 -2.24 10.97
CA TRP B 293 -9.99 -0.98 11.68
C TRP B 293 -11.43 -0.81 12.19
N ALA B 294 -12.43 -1.22 11.41
CA ALA B 294 -13.80 -1.16 11.86
C ALA B 294 -14.01 -2.05 13.09
N LYS B 295 -13.42 -3.24 13.08
CA LYS B 295 -13.50 -4.13 14.25
C LYS B 295 -12.84 -3.51 15.47
N VAL B 296 -11.66 -2.91 15.33
CA VAL B 296 -11.03 -2.35 16.51
C VAL B 296 -11.86 -1.20 17.09
N VAL B 297 -12.33 -0.28 16.23
CA VAL B 297 -13.03 0.91 16.68
C VAL B 297 -14.47 0.54 17.10
N LEU B 298 -15.20 -0.17 16.25
CA LEU B 298 -16.64 -0.32 16.43
C LEU B 298 -17.07 -1.41 17.45
N THR B 299 -16.15 -2.25 17.88
CA THR B 299 -16.52 -3.20 18.93
C THR B 299 -16.20 -2.64 20.34
N ASP B 300 -15.75 -1.40 20.41
CA ASP B 300 -15.72 -0.68 21.66
C ASP B 300 -16.97 0.20 21.70
N PRO B 301 -17.91 -0.10 22.59
CA PRO B 301 -19.19 0.65 22.58
C PRO B 301 -19.09 2.14 22.91
N GLU B 302 -18.04 2.54 23.63
CA GLU B 302 -17.77 3.96 23.91
C GLU B 302 -17.37 4.69 22.64
N ALA B 303 -16.63 4.00 21.77
CA ALA B 303 -16.21 4.59 20.48
C ALA B 303 -17.37 4.52 19.49
N ALA B 304 -17.99 3.35 19.40
CA ALA B 304 -19.08 3.09 18.45
C ALA B 304 -20.22 4.08 18.54
N LYS B 305 -20.56 4.57 19.73
CA LYS B 305 -21.75 5.41 19.84
C LYS B 305 -21.56 6.74 19.14
N TYR B 306 -20.31 7.11 18.83
CA TYR B 306 -20.07 8.38 18.18
C TYR B 306 -19.87 8.30 16.66
N VAL B 307 -19.69 7.07 16.16
CA VAL B 307 -19.27 6.88 14.78
C VAL B 307 -20.45 6.60 13.89
N HIS B 308 -20.72 7.52 12.98
CA HIS B 308 -21.82 7.40 12.01
C HIS B 308 -21.45 6.51 10.79
N GLY B 309 -20.21 6.63 10.32
CA GLY B 309 -19.76 5.88 9.15
C GLY B 309 -18.25 5.75 9.02
N ILE B 310 -17.84 5.15 7.93
CA ILE B 310 -16.45 4.83 7.64
C ILE B 310 -16.15 5.43 6.28
N ALA B 311 -15.13 6.28 6.17
CA ALA B 311 -14.73 6.89 4.89
C ALA B 311 -13.56 6.07 4.31
N VAL B 312 -13.56 5.75 3.01
CA VAL B 312 -12.45 5.07 2.36
C VAL B 312 -11.85 5.80 1.14
N HIS B 313 -10.55 5.61 0.89
CA HIS B 313 -9.86 6.20 -0.25
C HIS B 313 -9.49 5.11 -1.23
N TRP B 314 -9.25 5.47 -2.50
CA TRP B 314 -9.15 4.43 -3.53
C TRP B 314 -7.74 3.95 -3.91
N TYR B 315 -6.70 4.53 -3.32
CA TYR B 315 -5.39 4.53 -3.98
C TYR B 315 -4.73 3.17 -4.03
N LEU B 316 -5.02 2.32 -3.04
CA LEU B 316 -4.47 0.96 -3.07
C LEU B 316 -5.60 -0.09 -3.26
N ASP B 317 -6.63 0.24 -4.03
CA ASP B 317 -7.72 -0.73 -4.30
C ASP B 317 -7.26 -2.02 -4.96
N PHE B 318 -6.18 -1.96 -5.72
CA PHE B 318 -5.72 -3.16 -6.44
C PHE B 318 -5.26 -4.21 -5.46
N LEU B 319 -4.91 -3.82 -4.25
CA LEU B 319 -4.52 -4.72 -3.17
C LEU B 319 -5.73 -5.22 -2.34
N ALA B 320 -6.94 -4.74 -2.64
CA ALA B 320 -8.06 -4.90 -1.70
C ALA B 320 -9.38 -5.22 -2.40
N PRO B 321 -9.67 -6.51 -2.69
CA PRO B 321 -10.98 -6.92 -3.29
C PRO B 321 -12.15 -6.33 -2.49
N ALA B 322 -13.12 -5.72 -3.18
CA ALA B 322 -14.22 -5.06 -2.51
C ALA B 322 -14.97 -6.04 -1.59
N LYS B 323 -15.06 -7.30 -2.01
CA LYS B 323 -15.83 -8.28 -1.28
C LYS B 323 -15.18 -8.57 0.06
N ALA B 324 -13.86 -8.67 0.08
CA ALA B 324 -13.13 -9.00 1.30
C ALA B 324 -13.06 -7.85 2.32
N THR B 325 -13.32 -6.62 1.86
CA THR B 325 -13.07 -5.43 2.65
C THR B 325 -14.37 -4.71 2.92
N LEU B 326 -14.94 -4.11 1.88
CA LEU B 326 -16.22 -3.38 1.92
C LEU B 326 -17.37 -4.38 2.18
N GLY B 327 -17.40 -5.49 1.45
CA GLY B 327 -18.44 -6.51 1.65
C GLY B 327 -18.50 -7.09 3.07
N GLU B 328 -17.36 -7.51 3.57
CA GLU B 328 -17.21 -8.06 4.91
C GLU B 328 -17.49 -7.03 6.01
N THR B 329 -17.04 -5.80 5.85
CA THR B 329 -17.39 -4.72 6.76
C THR B 329 -18.92 -4.48 6.83
N HIS B 330 -19.61 -4.47 5.70
CA HIS B 330 -21.05 -4.37 5.73
C HIS B 330 -21.73 -5.56 6.42
N ARG B 331 -21.23 -6.77 6.23
CA ARG B 331 -21.78 -7.93 6.88
C ARG B 331 -21.67 -7.88 8.43
N LEU B 332 -20.52 -7.46 8.96
CA LEU B 332 -20.29 -7.30 10.40
C LEU B 332 -20.99 -6.07 10.94
N PHE B 333 -21.00 -4.96 10.20
CA PHE B 333 -21.56 -3.67 10.69
C PHE B 333 -22.54 -3.05 9.69
N PRO B 334 -23.68 -3.73 9.44
CA PRO B 334 -24.62 -3.35 8.39
C PRO B 334 -25.27 -1.97 8.60
N ASN B 335 -25.22 -1.42 9.82
CA ASN B 335 -25.79 -0.09 10.02
C ASN B 335 -24.78 1.07 10.08
N THR B 336 -23.50 0.79 9.81
CA THR B 336 -22.50 1.86 9.73
C THR B 336 -22.24 2.07 8.24
N MET B 337 -22.55 3.25 7.73
CA MET B 337 -22.42 3.51 6.30
C MET B 337 -20.95 3.57 5.84
N LEU B 338 -20.73 3.07 4.62
CA LEU B 338 -19.44 3.17 3.94
C LEU B 338 -19.51 4.33 2.95
N PHE B 339 -18.46 5.14 2.88
CA PHE B 339 -18.52 6.32 2.02
C PHE B 339 -17.11 6.49 1.35
N ALA B 340 -17.06 6.68 0.03
CA ALA B 340 -15.75 6.92 -0.59
C ALA B 340 -15.41 8.41 -0.55
N SER B 341 -14.36 8.80 0.13
CA SER B 341 -14.17 10.21 0.36
C SER B 341 -12.99 10.80 -0.43
N GLU B 342 -12.23 9.98 -1.15
CA GLU B 342 -11.20 10.61 -1.97
C GLU B 342 -10.64 9.69 -3.05
N ALA B 343 -10.50 10.24 -4.26
CA ALA B 343 -9.91 9.54 -5.41
C ALA B 343 -9.34 10.61 -6.38
N CYS B 344 -8.19 10.31 -7.00
CA CYS B 344 -7.64 11.04 -8.16
C CYS B 344 -6.74 10.12 -8.96
N VAL B 345 -6.60 10.39 -10.25
CA VAL B 345 -5.67 9.60 -11.06
C VAL B 345 -4.38 10.43 -11.26
N GLY B 346 -3.29 9.80 -11.71
CA GLY B 346 -2.02 10.53 -11.93
C GLY B 346 -1.16 10.67 -10.69
N SER B 347 -1.54 10.00 -9.61
CA SER B 347 -0.84 10.10 -8.35
C SER B 347 0.39 9.18 -8.29
N LYS B 348 0.42 8.12 -9.09
CA LYS B 348 1.55 7.16 -9.03
C LYS B 348 2.82 7.85 -9.51
N PHE B 349 3.96 7.54 -8.86
CA PHE B 349 5.30 8.15 -9.17
C PHE B 349 5.67 8.10 -10.66
N TRP B 350 5.19 7.07 -11.35
CA TRP B 350 5.64 6.85 -12.71
C TRP B 350 4.60 7.27 -13.74
N GLU B 351 3.46 7.80 -13.26
CA GLU B 351 2.39 8.27 -14.12
C GLU B 351 2.57 9.73 -14.45
N GLN B 352 2.06 10.13 -15.60
CA GLN B 352 2.04 11.53 -15.95
C GLN B 352 0.92 12.13 -15.13
N SER B 353 1.12 13.34 -14.61
CA SER B 353 0.10 13.98 -13.78
C SER B 353 -1.25 14.24 -14.44
N VAL B 354 -1.17 14.93 -15.60
CA VAL B 354 -2.35 15.36 -16.29
C VAL B 354 -2.27 14.79 -17.71
N ARG B 355 -3.30 14.01 -18.12
CA ARG B 355 -3.40 13.55 -19.51
C ARG B 355 -4.67 14.10 -20.13
N LEU B 356 -4.59 15.31 -20.68
CA LEU B 356 -5.78 15.97 -21.21
C LEU B 356 -6.54 15.12 -22.26
N GLY B 357 -7.78 14.74 -21.97
CA GLY B 357 -8.54 14.00 -22.93
C GLY B 357 -8.48 12.48 -22.68
N SER B 358 -7.90 12.04 -21.56
CA SER B 358 -7.74 10.60 -21.35
C SER B 358 -9.08 9.85 -21.05
N TRP B 359 -9.48 8.96 -21.96
CA TRP B 359 -10.68 8.16 -21.81
C TRP B 359 -10.41 7.11 -20.72
N ASP B 360 -9.20 6.54 -20.73
CA ASP B 360 -8.88 5.52 -19.74
C ASP B 360 -9.10 5.97 -18.29
N ARG B 361 -8.76 7.22 -18.00
CA ARG B 361 -8.88 7.77 -16.67
C ARG B 361 -10.36 8.01 -16.31
N GLY B 362 -11.17 8.42 -17.29
CA GLY B 362 -12.60 8.46 -17.14
C GLY B 362 -13.16 7.11 -16.69
N MET B 363 -12.81 6.05 -17.43
CA MET B 363 -13.26 4.69 -17.12
C MET B 363 -12.83 4.19 -15.75
N GLN B 364 -11.65 4.60 -15.31
CA GLN B 364 -11.21 4.24 -14.00
C GLN B 364 -12.21 4.84 -12.98
N TYR B 365 -12.65 6.08 -13.16
CA TYR B 365 -13.64 6.69 -12.23
C TYR B 365 -14.95 5.86 -12.19
N SER B 366 -15.60 5.66 -13.35
CA SER B 366 -16.88 4.97 -13.37
C SER B 366 -16.77 3.51 -12.95
N HIS B 367 -15.66 2.84 -13.27
CA HIS B 367 -15.50 1.50 -12.79
C HIS B 367 -15.41 1.45 -11.26
N SER B 368 -14.70 2.42 -10.71
CA SER B 368 -14.59 2.57 -9.28
C SER B 368 -15.93 2.88 -8.65
N ILE B 369 -16.66 3.86 -9.19
CA ILE B 369 -17.94 4.17 -8.60
C ILE B 369 -18.91 2.96 -8.66
N ILE B 370 -19.04 2.32 -9.81
CA ILE B 370 -19.89 1.15 -9.94
C ILE B 370 -19.52 0.08 -8.91
N THR B 371 -18.23 -0.22 -8.78
CA THR B 371 -17.79 -1.24 -7.84
C THR B 371 -18.08 -0.86 -6.40
N ASN B 372 -17.82 0.39 -6.02
CA ASN B 372 -18.30 0.86 -4.74
C ASN B 372 -19.81 0.69 -4.49
N LEU B 373 -20.62 1.19 -5.42
CA LEU B 373 -22.12 1.08 -5.31
C LEU B 373 -22.55 -0.37 -5.09
N LEU B 374 -21.91 -1.32 -5.74
CA LEU B 374 -22.32 -2.74 -5.63
C LEU B 374 -21.86 -3.39 -4.31
N TYR B 375 -20.95 -2.74 -3.60
CA TYR B 375 -20.49 -3.20 -2.29
C TYR B 375 -20.82 -2.23 -1.15
N HIS B 376 -22.03 -1.67 -1.24
CA HIS B 376 -22.73 -0.93 -0.17
C HIS B 376 -22.34 0.49 0.11
N VAL B 377 -21.44 1.05 -0.69
CA VAL B 377 -20.93 2.38 -0.47
C VAL B 377 -22.01 3.45 -0.84
N VAL B 378 -22.20 4.47 0.02
CA VAL B 378 -23.33 5.39 -0.16
C VAL B 378 -22.98 6.73 -0.91
N GLY B 379 -21.71 6.97 -1.20
CA GLY B 379 -21.29 8.16 -1.92
C GLY B 379 -19.86 8.05 -2.40
N TRP B 380 -19.47 8.95 -3.31
CA TRP B 380 -18.15 8.92 -3.87
C TRP B 380 -17.70 10.35 -4.12
N THR B 381 -16.48 10.66 -3.66
CA THR B 381 -15.99 12.01 -3.69
C THR B 381 -14.68 12.09 -4.43
N ASP B 382 -14.68 12.88 -5.49
CA ASP B 382 -13.45 13.21 -6.19
C ASP B 382 -12.50 14.07 -5.27
N TRP B 383 -11.24 14.20 -5.64
CA TRP B 383 -10.32 15.08 -4.97
C TRP B 383 -10.44 16.53 -5.56
N ASN B 384 -9.33 17.21 -5.83
CA ASN B 384 -9.39 18.58 -6.38
C ASN B 384 -10.44 18.80 -7.47
N LEU B 385 -11.34 19.74 -7.21
CA LEU B 385 -12.34 20.20 -8.19
C LEU B 385 -11.71 20.68 -9.50
N ALA B 386 -10.55 21.34 -9.42
CA ALA B 386 -9.89 21.87 -10.62
C ALA B 386 -8.39 21.97 -10.36
N LEU B 387 -7.60 21.75 -11.41
CA LEU B 387 -6.15 21.92 -11.26
C LEU B 387 -5.59 22.69 -12.48
N ASN B 388 -4.32 23.07 -12.45
CA ASN B 388 -3.75 23.70 -13.63
C ASN B 388 -3.22 22.60 -14.54
N PRO B 389 -2.70 22.97 -15.74
CA PRO B 389 -2.22 21.97 -16.70
C PRO B 389 -1.03 21.11 -16.24
N GLU B 390 -0.34 21.51 -15.17
CA GLU B 390 0.74 20.70 -14.62
C GLU B 390 0.23 19.82 -13.46
N GLY B 391 -1.02 20.01 -13.02
CA GLY B 391 -1.56 19.20 -11.92
C GLY B 391 -1.37 19.87 -10.55
N GLY B 392 -1.26 21.20 -10.54
CA GLY B 392 -0.96 21.90 -9.28
C GLY B 392 -1.83 23.13 -9.06
N PRO B 393 -1.41 24.08 -8.21
CA PRO B 393 -0.16 24.08 -7.48
C PRO B 393 -0.18 23.08 -6.31
N ASN B 394 1.00 22.79 -5.78
CA ASN B 394 1.16 21.79 -4.75
C ASN B 394 2.56 22.05 -4.19
N TRP B 395 2.64 22.41 -2.90
CA TRP B 395 3.92 22.78 -2.26
C TRP B 395 4.97 21.67 -2.25
N VAL B 396 4.59 20.39 -2.33
CA VAL B 396 5.59 19.31 -2.43
C VAL B 396 5.75 18.76 -3.85
N ARG B 397 5.06 19.41 -4.80
CA ARG B 397 5.07 19.00 -6.20
C ARG B 397 4.42 17.63 -6.44
N ASN B 398 3.44 17.29 -5.62
CA ASN B 398 2.70 16.00 -5.76
C ASN B 398 1.52 16.23 -6.73
N PHE B 399 1.85 16.54 -7.98
CA PHE B 399 0.87 16.85 -9.03
C PHE B 399 0.05 15.63 -9.43
N VAL B 400 -1.25 15.85 -9.64
CA VAL B 400 -2.19 14.80 -10.07
C VAL B 400 -3.18 15.35 -11.11
N ASP B 401 -4.13 14.54 -11.55
CA ASP B 401 -5.07 14.98 -12.58
C ASP B 401 -6.34 15.44 -11.88
N SER B 402 -7.22 16.12 -12.63
CA SER B 402 -8.50 16.63 -12.09
C SER B 402 -9.49 16.63 -13.24
N PRO B 403 -10.80 16.41 -12.97
CA PRO B 403 -11.81 16.40 -14.04
C PRO B 403 -11.95 17.73 -14.75
N ILE B 404 -11.55 18.84 -14.13
CA ILE B 404 -11.53 20.11 -14.85
C ILE B 404 -10.18 20.74 -14.76
N ILE B 405 -9.59 21.10 -15.89
CA ILE B 405 -8.25 21.68 -15.89
C ILE B 405 -8.35 23.15 -16.33
N VAL B 406 -7.81 24.07 -15.53
CA VAL B 406 -7.86 25.48 -15.84
C VAL B 406 -6.62 26.06 -16.64
N ASP B 407 -6.86 26.72 -17.76
CA ASP B 407 -5.74 27.36 -18.50
C ASP B 407 -5.82 28.89 -18.33
N ILE B 408 -5.09 29.41 -17.35
CA ILE B 408 -5.33 30.77 -16.89
C ILE B 408 -4.93 31.83 -17.94
N THR B 409 -3.82 31.59 -18.64
CA THR B 409 -3.36 32.58 -19.60
C THR B 409 -4.36 32.63 -20.76
N LYS B 410 -5.34 31.73 -20.81
CA LYS B 410 -6.27 31.79 -21.93
C LYS B 410 -7.71 31.96 -21.46
N ASP B 411 -7.87 32.19 -20.15
CA ASP B 411 -9.18 32.23 -19.57
C ASP B 411 -10.07 31.12 -20.16
N THR B 412 -9.56 29.90 -20.16
CA THR B 412 -10.26 28.71 -20.61
C THR B 412 -10.16 27.58 -19.55
N PHE B 413 -11.13 26.67 -19.56
CA PHE B 413 -11.01 25.46 -18.79
C PHE B 413 -11.49 24.28 -19.59
N TYR B 414 -10.94 23.12 -19.28
CA TYR B 414 -11.23 21.91 -20.05
C TYR B 414 -11.96 20.91 -19.19
N LYS B 415 -13.10 20.42 -19.65
CA LYS B 415 -13.75 19.31 -18.94
C LYS B 415 -13.31 17.95 -19.55
N GLN B 416 -12.69 17.12 -18.71
CA GLN B 416 -12.08 15.88 -19.11
C GLN B 416 -13.08 14.77 -19.09
N PRO B 417 -12.78 13.66 -19.80
CA PRO B 417 -13.65 12.50 -19.68
C PRO B 417 -14.05 12.14 -18.23
N MET B 418 -13.14 12.27 -17.26
CA MET B 418 -13.49 11.98 -15.86
C MET B 418 -14.74 12.75 -15.41
N PHE B 419 -14.89 13.99 -15.88
CA PHE B 419 -16.00 14.86 -15.56
C PHE B 419 -17.32 14.19 -16.01
N TYR B 420 -17.33 13.73 -17.26
CA TYR B 420 -18.53 13.11 -17.80
C TYR B 420 -18.83 11.75 -17.19
N HIS B 421 -17.81 10.96 -16.84
CA HIS B 421 -18.02 9.62 -16.27
C HIS B 421 -18.63 9.77 -14.89
N LEU B 422 -18.13 10.72 -14.11
CA LEU B 422 -18.74 11.13 -12.87
C LEU B 422 -20.19 11.57 -13.07
N GLY B 423 -20.42 12.45 -14.04
CA GLY B 423 -21.75 13.00 -14.37
C GLY B 423 -22.79 11.95 -14.65
N HIS B 424 -22.36 10.80 -15.22
CA HIS B 424 -23.27 9.69 -15.47
C HIS B 424 -23.92 9.09 -14.22
N PHE B 425 -23.31 9.35 -13.07
CA PHE B 425 -23.89 8.97 -11.77
C PHE B 425 -24.49 10.16 -11.06
N SER B 426 -23.66 11.19 -10.82
CA SER B 426 -24.10 12.34 -10.00
C SER B 426 -25.38 13.00 -10.50
N LYS B 427 -25.51 13.09 -11.81
CA LYS B 427 -26.61 13.83 -12.37
C LYS B 427 -27.91 13.03 -12.22
N PHE B 428 -27.81 11.70 -12.18
CA PHE B 428 -29.02 10.89 -12.33
C PHE B 428 -29.34 10.12 -11.05
N ILE B 429 -28.52 10.26 -10.02
CA ILE B 429 -28.67 9.49 -8.83
C ILE B 429 -28.62 10.44 -7.66
N PRO B 430 -29.71 11.18 -7.43
CA PRO B 430 -29.79 12.09 -6.32
C PRO B 430 -29.78 11.36 -4.96
N GLU B 431 -29.45 12.13 -3.92
CA GLU B 431 -29.53 11.70 -2.54
C GLU B 431 -30.92 11.09 -2.23
N GLY B 432 -30.93 9.95 -1.55
CA GLY B 432 -32.16 9.28 -1.26
C GLY B 432 -32.43 8.16 -2.26
N SER B 433 -31.69 8.12 -3.39
CA SER B 433 -31.84 6.99 -4.33
C SER B 433 -31.41 5.72 -3.64
N GLN B 434 -31.86 4.58 -4.13
CA GLN B 434 -31.50 3.39 -3.40
C GLN B 434 -31.12 2.33 -4.39
N ARG B 435 -30.09 1.60 -4.07
CA ARG B 435 -29.66 0.59 -4.99
C ARG B 435 -30.55 -0.66 -4.92
N VAL B 436 -30.79 -1.28 -6.09
CA VAL B 436 -31.65 -2.49 -6.15
C VAL B 436 -30.92 -3.61 -6.91
N GLY B 437 -31.48 -4.82 -6.90
CA GLY B 437 -30.71 -5.94 -7.43
C GLY B 437 -30.71 -5.80 -8.96
N LEU B 438 -29.73 -6.43 -9.60
CA LEU B 438 -29.62 -6.48 -11.05
C LEU B 438 -28.76 -7.70 -11.35
N VAL B 439 -29.25 -8.66 -12.14
CA VAL B 439 -28.50 -9.90 -12.39
C VAL B 439 -28.31 -10.08 -13.86
N ALA B 440 -27.22 -10.76 -14.24
CA ALA B 440 -26.90 -10.92 -15.66
C ALA B 440 -27.22 -12.36 -16.09
N SER B 441 -27.73 -12.57 -17.30
CA SER B 441 -28.02 -13.93 -17.80
C SER B 441 -26.77 -14.76 -18.16
N GLN B 442 -25.65 -14.08 -18.40
CA GLN B 442 -24.45 -14.78 -18.73
C GLN B 442 -23.26 -13.88 -18.42
N LYS B 443 -22.05 -14.46 -18.42
CA LYS B 443 -20.81 -13.71 -18.21
C LYS B 443 -20.56 -12.67 -19.28
N ASN B 444 -20.06 -11.50 -18.88
CA ASN B 444 -20.00 -10.38 -19.81
C ASN B 444 -18.90 -9.45 -19.33
N ASP B 445 -18.55 -8.47 -20.15
CA ASP B 445 -17.50 -7.50 -19.79
C ASP B 445 -18.04 -6.12 -19.36
N LEU B 446 -19.32 -6.04 -18.97
CA LEU B 446 -19.91 -4.74 -18.68
C LEU B 446 -19.79 -4.54 -17.18
N ASP B 447 -19.65 -3.31 -16.71
CA ASP B 447 -19.97 -3.07 -15.29
C ASP B 447 -21.33 -2.39 -15.28
N ALA B 448 -22.21 -2.75 -14.36
CA ALA B 448 -23.56 -2.17 -14.37
C ALA B 448 -24.15 -2.15 -12.98
N VAL B 449 -24.98 -1.14 -12.72
CA VAL B 449 -25.61 -1.01 -11.43
C VAL B 449 -27.01 -0.42 -11.61
N ALA B 450 -28.01 -0.90 -10.85
CA ALA B 450 -29.38 -0.38 -10.97
C ALA B 450 -29.78 0.27 -9.67
N LEU B 451 -30.49 1.41 -9.77
CA LEU B 451 -30.97 2.10 -8.61
C LEU B 451 -32.41 2.56 -8.84
N MET B 452 -33.12 2.78 -7.74
CA MET B 452 -34.38 3.47 -7.78
C MET B 452 -34.24 4.88 -7.27
N HIS B 453 -34.78 5.79 -8.03
CA HIS B 453 -34.95 7.17 -7.65
C HIS B 453 -35.96 7.35 -6.52
N PRO B 454 -35.82 8.43 -5.71
CA PRO B 454 -36.79 8.68 -4.63
C PRO B 454 -38.25 8.70 -5.14
N ASP B 455 -38.49 9.27 -6.31
CA ASP B 455 -39.81 9.18 -6.96
C ASP B 455 -40.22 7.80 -7.56
N GLY B 456 -39.39 6.76 -7.36
CA GLY B 456 -39.66 5.40 -7.83
C GLY B 456 -39.30 5.10 -9.29
N SER B 457 -38.72 6.05 -10.01
CA SER B 457 -38.24 5.73 -11.38
C SER B 457 -36.90 4.96 -11.34
N ALA B 458 -36.52 4.35 -12.45
CA ALA B 458 -35.35 3.49 -12.47
C ALA B 458 -34.14 4.17 -13.14
N VAL B 459 -32.92 3.85 -12.67
CA VAL B 459 -31.70 4.37 -13.25
C VAL B 459 -30.76 3.14 -13.40
N VAL B 460 -30.21 2.93 -14.59
CA VAL B 460 -29.20 1.87 -14.77
C VAL B 460 -27.98 2.48 -15.44
N VAL B 461 -26.81 2.30 -14.84
CA VAL B 461 -25.57 2.79 -15.41
C VAL B 461 -24.77 1.60 -15.99
N VAL B 462 -24.40 1.68 -17.28
CA VAL B 462 -23.67 0.61 -17.94
C VAL B 462 -22.33 1.11 -18.51
N LEU B 463 -21.22 0.54 -18.06
CA LEU B 463 -19.89 0.87 -18.52
C LEU B 463 -19.38 -0.36 -19.27
N ASN B 464 -18.97 -0.18 -20.52
CA ASN B 464 -18.38 -1.27 -21.29
C ASN B 464 -16.85 -1.22 -21.20
N ARG B 465 -16.27 -2.16 -20.48
CA ARG B 465 -14.83 -2.19 -20.29
C ARG B 465 -14.01 -2.74 -21.50
N SER B 466 -14.67 -3.35 -22.47
CA SER B 466 -14.00 -3.96 -23.58
C SER B 466 -14.21 -3.12 -24.83
N SER B 467 -13.47 -3.42 -25.88
CA SER B 467 -13.50 -2.67 -27.13
C SER B 467 -14.64 -3.14 -28.06
N LYS B 468 -15.35 -4.20 -27.67
CA LYS B 468 -16.39 -4.79 -28.51
C LYS B 468 -17.76 -4.27 -28.10
N ASP B 469 -18.62 -3.99 -29.07
CA ASP B 469 -19.98 -3.52 -28.87
C ASP B 469 -20.78 -4.70 -28.38
N VAL B 470 -21.57 -4.53 -27.34
CA VAL B 470 -22.32 -5.63 -26.75
C VAL B 470 -23.82 -5.28 -26.83
N PRO B 471 -24.57 -5.98 -27.71
CA PRO B 471 -26.04 -5.79 -27.65
C PRO B 471 -26.58 -6.38 -26.35
N LEU B 472 -27.54 -5.72 -25.75
CA LEU B 472 -28.11 -6.25 -24.53
C LEU B 472 -29.56 -5.80 -24.35
N THR B 473 -30.26 -6.47 -23.45
CA THR B 473 -31.63 -6.12 -23.09
C THR B 473 -31.65 -5.95 -21.60
N ILE B 474 -32.40 -4.98 -21.13
CA ILE B 474 -32.64 -4.79 -19.73
C ILE B 474 -34.11 -5.13 -19.50
N LYS B 475 -34.34 -5.98 -18.52
CA LYS B 475 -35.69 -6.38 -18.16
C LYS B 475 -36.08 -5.72 -16.87
N ASP B 476 -37.19 -4.98 -16.86
CA ASP B 476 -37.84 -4.54 -15.60
C ASP B 476 -39.11 -5.36 -15.46
N PRO B 477 -39.18 -6.26 -14.46
CA PRO B 477 -40.36 -7.16 -14.28
C PRO B 477 -41.70 -6.41 -14.16
N ALA B 478 -42.70 -6.82 -14.87
CA ALA B 478 -43.93 -6.01 -14.86
C ALA B 478 -43.86 -4.51 -15.33
N VAL B 479 -42.76 -4.05 -15.91
CA VAL B 479 -42.82 -2.87 -16.81
C VAL B 479 -42.46 -3.21 -18.28
N GLY B 480 -41.40 -3.97 -18.52
CA GLY B 480 -41.02 -4.28 -19.90
C GLY B 480 -39.55 -4.55 -20.19
N PHE B 481 -39.20 -4.55 -21.46
CA PHE B 481 -37.84 -4.75 -21.93
C PHE B 481 -37.34 -3.54 -22.74
N LEU B 482 -36.09 -3.16 -22.50
CA LEU B 482 -35.41 -2.11 -23.28
C LEU B 482 -34.39 -2.84 -24.15
N GLU B 483 -34.50 -2.68 -25.45
CA GLU B 483 -33.49 -3.31 -26.29
C GLU B 483 -32.40 -2.27 -26.56
N THR B 484 -31.15 -2.63 -26.34
CA THR B 484 -30.13 -1.62 -26.54
C THR B 484 -28.76 -2.16 -27.01
N ILE B 485 -27.83 -1.27 -27.25
CA ILE B 485 -26.49 -1.77 -27.56
C ILE B 485 -25.53 -1.00 -26.66
N SER B 486 -24.51 -1.66 -26.13
CA SER B 486 -23.44 -0.96 -25.42
C SER B 486 -22.11 -0.90 -26.20
N PRO B 487 -21.81 0.23 -26.87
CA PRO B 487 -20.57 0.29 -27.65
C PRO B 487 -19.28 0.12 -26.83
N GLY B 488 -18.24 -0.42 -27.47
CA GLY B 488 -16.97 -0.65 -26.79
C GLY B 488 -16.52 0.62 -26.09
N TYR B 489 -16.11 0.50 -24.85
CA TYR B 489 -15.55 1.63 -24.06
C TYR B 489 -16.55 2.69 -23.51
N SER B 490 -17.76 2.69 -24.02
CA SER B 490 -18.75 3.68 -23.73
C SER B 490 -19.27 3.60 -22.29
N ILE B 491 -20.01 4.65 -21.92
CA ILE B 491 -20.80 4.61 -20.71
C ILE B 491 -22.19 5.17 -21.01
N HIS B 492 -23.22 4.45 -20.55
CA HIS B 492 -24.64 4.84 -20.74
C HIS B 492 -25.34 4.97 -19.37
N THR B 493 -26.28 5.90 -19.29
CA THR B 493 -27.21 5.85 -18.18
C THR B 493 -28.62 5.75 -18.77
N TYR B 494 -29.39 4.79 -18.28
CA TYR B 494 -30.76 4.55 -18.70
C TYR B 494 -31.74 5.02 -17.65
N LEU B 495 -32.78 5.75 -18.04
CA LEU B 495 -33.77 6.23 -17.06
C LEU B 495 -35.13 5.85 -17.60
N TRP B 496 -36.01 5.35 -16.77
CA TRP B 496 -37.43 5.22 -17.16
C TRP B 496 -38.36 5.25 -15.93
N HIS B 497 -39.61 5.66 -16.14
CA HIS B 497 -40.63 5.66 -15.12
C HIS B 497 -41.25 4.28 -15.08
N ARG B 498 -41.49 3.76 -13.89
CA ARG B 498 -41.95 2.40 -13.81
C ARG B 498 -43.32 2.52 -13.25
N GLN B 499 -43.36 3.20 -12.10
CA GLN B 499 -44.58 3.35 -11.32
C GLN B 499 -45.64 4.13 -12.11
C1 NAG C . 43.79 -1.22 2.32
C2 NAG C . 44.69 -0.11 1.81
C3 NAG C . 45.85 -0.06 2.80
C4 NAG C . 45.25 0.19 4.19
C5 NAG C . 44.16 -0.83 4.53
C6 NAG C . 43.51 -0.60 5.89
C7 NAG C . 44.91 0.70 -0.47
C8 NAG C . 45.21 0.44 -1.93
N2 NAG C . 45.08 -0.31 0.41
O3 NAG C . 46.72 1.01 2.47
O4 NAG C . 46.32 0.09 5.11
O5 NAG C . 43.18 -0.81 3.51
O6 NAG C . 43.22 0.76 6.00
O7 NAG C . 44.56 1.84 -0.11
C1 NAG C . 46.71 0.76 6.25
C2 NAG C . 48.01 0.56 7.00
C3 NAG C . 47.96 1.53 8.16
C4 NAG C . 48.10 2.89 7.48
C5 NAG C . 46.93 3.09 6.52
C6 NAG C . 47.05 4.41 5.74
C7 NAG C . 47.32 -1.71 7.62
C8 NAG C . 47.51 -3.09 7.07
N2 NAG C . 48.28 -0.83 7.36
O3 NAG C . 49.04 1.34 9.04
O4 NAG C . 48.15 3.91 8.44
O5 NAG C . 46.84 2.01 5.60
O6 NAG C . 48.19 4.30 4.93
O7 NAG C . 46.34 -1.41 8.31
C1 BMA C . 48.34 4.68 9.18
C2 BMA C . 48.08 6.13 9.62
C3 BMA C . 49.35 6.99 9.70
C4 BMA C . 50.61 6.21 10.11
C5 BMA C . 50.71 4.94 9.25
C6 BMA C . 52.01 4.18 9.42
O2 BMA C . 47.27 6.15 10.82
O3 BMA C . 49.17 8.13 10.55
O4 BMA C . 51.78 7.02 9.92
O5 BMA C . 49.59 4.13 9.64
O6 BMA C . 52.24 3.89 10.81
C1 NAG D . -15.56 31.24 -26.35
C2 NAG D . -14.84 32.13 -27.36
C3 NAG D . -15.81 32.30 -28.53
C4 NAG D . -16.15 30.91 -29.08
C5 NAG D . -16.68 29.97 -27.98
C6 NAG D . -16.96 28.55 -28.49
C7 NAG D . -13.11 33.73 -26.87
C8 NAG D . -12.64 34.97 -26.18
N2 NAG D . -14.40 33.39 -26.81
O3 NAG D . -15.23 33.13 -29.51
O4 NAG D . -17.08 31.03 -30.14
O5 NAG D . -15.77 29.95 -26.89
O6 NAG D . -15.90 28.06 -29.31
O7 NAG D . -12.27 33.07 -27.51
C1 NAG D . -17.27 30.46 -31.38
C2 NAG D . -18.31 30.86 -32.42
C3 NAG D . -18.11 29.97 -33.63
C4 NAG D . -16.77 30.45 -34.18
C5 NAG D . -15.70 30.17 -33.13
C6 NAG D . -14.33 30.62 -33.61
C7 NAG D . -20.10 30.21 -30.89
C8 NAG D . -20.97 30.90 -29.87
N2 NAG D . -19.66 30.95 -31.88
O3 NAG D . -19.11 30.11 -34.60
O4 NAG D . -16.48 29.81 -35.39
O5 NAG D . -16.03 30.85 -31.92
O6 NAG D . -14.42 31.97 -33.90
O7 NAG D . -19.81 29.04 -30.84
C1 BMA D . -16.39 29.22 -36.26
C2 BMA D . -15.39 28.57 -37.23
C3 BMA D . -15.26 29.31 -38.58
C4 BMA D . -16.54 30.02 -39.04
C5 BMA D . -17.16 30.77 -37.86
C6 BMA D . -18.35 31.64 -38.23
O2 BMA D . -15.65 27.18 -37.43
O3 BMA D . -14.76 28.43 -39.60
O4 BMA D . -16.20 30.93 -40.11
O5 BMA D . -17.55 29.81 -36.87
O6 BMA D . -19.40 30.84 -38.79
C1 FUC E . 48.40 -0.09 1.01
C2 FUC E . 48.82 1.38 0.76
C3 FUC E . 48.90 2.22 2.06
C4 FUC E . 49.76 1.44 3.08
C5 FUC E . 49.25 -0.01 3.26
C6 FUC E . 50.11 -0.78 4.26
O2 FUC E . 47.94 2.04 -0.13
O3 FUC E . 49.40 3.52 1.75
O4 FUC E . 51.10 1.41 2.64
O5 FUC E . 49.17 -0.73 2.01
S SO4 F . 20.59 8.92 9.43
O1 SO4 F . 21.99 9.28 9.27
O2 SO4 F . 20.53 8.00 10.55
O3 SO4 F . 20.17 8.30 8.19
O4 SO4 F . 19.77 10.11 9.63
S SO4 G . 13.04 -27.10 5.70
O1 SO4 G . 14.47 -26.99 5.38
O2 SO4 G . 12.69 -28.51 5.92
O3 SO4 G . 12.79 -26.31 6.90
O4 SO4 G . 12.19 -26.61 4.63
S SO4 H . -0.55 -0.71 -18.61
O1 SO4 H . -0.06 -1.05 -17.29
O2 SO4 H . -0.23 -1.80 -19.55
O3 SO4 H . -2.01 -0.48 -18.49
O4 SO4 H . 0.18 0.45 -19.13
S SO4 I . 26.47 8.77 19.77
O1 SO4 I . 27.60 9.10 18.89
O2 SO4 I . 26.95 8.23 21.04
O3 SO4 I . 25.60 7.77 19.16
O4 SO4 I . 25.60 9.92 20.02
S SO4 J . -13.55 -18.37 -6.45
O1 SO4 J . -12.88 -18.27 -5.14
O2 SO4 J . -13.51 -19.74 -6.96
O3 SO4 J . -14.96 -17.99 -6.23
O4 SO4 J . -12.95 -17.53 -7.51
S SO4 K . 19.50 12.08 19.04
O1 SO4 K . 19.81 11.34 20.28
O2 SO4 K . 20.73 12.68 18.55
O3 SO4 K . 18.48 13.09 19.34
O4 SO4 K . 18.93 11.25 17.98
N9 MT5 L . 9.12 -1.81 -3.77
C10 MT5 L . 10.40 -2.18 -3.98
N11 MT5 L . 11.50 -1.44 -3.78
C12 MT5 L . 12.70 -2.19 -4.14
C13 MT5 L . 12.14 -3.55 -4.58
N14 MT5 L . 10.70 -3.44 -4.46
C15 MT5 L . 9.84 -4.49 -4.82
O16 MT5 L . 8.98 -5.02 -3.90
C17 MT5 L . 10.43 -5.57 -5.71
O18 MT5 L . 10.22 -6.94 -5.28
C19 MT5 L . 11.91 -5.39 -6.06
O20 MT5 L . 12.03 -5.76 -7.41
C21 MT5 L . 12.34 -3.93 -6.00
O22 MT5 L . 13.67 -3.70 -6.33
CL CL M . 19.62 14.91 5.25
C1 FUC N . -15.69 35.15 -29.16
C2 FUC N . -14.67 35.66 -30.18
C3 FUC N . -14.74 34.89 -31.48
C4 FUC N . -16.18 34.86 -31.99
C5 FUC N . -17.16 34.43 -30.89
C6 FUC N . -18.62 34.48 -31.38
O2 FUC N . -13.34 35.53 -29.74
O3 FUC N . -13.88 35.54 -32.40
O4 FUC N . -16.48 36.14 -32.46
O5 FUC N . -17.01 35.16 -29.68
S SO4 O . -5.18 7.46 -22.47
O1 SO4 O . -4.84 8.12 -21.21
O2 SO4 O . -4.22 6.42 -22.71
O3 SO4 O . -6.51 6.84 -22.49
O4 SO4 O . -5.07 8.44 -23.56
S SO4 P . -27.33 11.91 6.87
O1 SO4 P . -25.94 11.80 7.34
O2 SO4 P . -27.42 11.23 5.60
O3 SO4 P . -28.23 11.29 7.84
O4 SO4 P . -27.73 13.31 6.67
S SO4 Q . 10.73 11.40 10.00
O1 SO4 Q . 11.28 12.30 8.98
O2 SO4 Q . 11.67 10.34 10.41
O3 SO4 Q . 9.48 10.83 9.50
O4 SO4 Q . 10.39 12.15 11.24
S SO4 R . -5.68 -2.69 22.67
O1 SO4 R . -4.50 -3.14 21.90
O2 SO4 R . -5.83 -3.48 23.88
O3 SO4 R . -6.88 -2.91 21.85
O4 SO4 R . -5.50 -1.27 23.03
S SO4 S . -12.87 5.23 -30.93
O1 SO4 S . -13.37 4.21 -30.01
O2 SO4 S . -11.64 4.75 -31.58
O3 SO4 S . -13.90 5.50 -31.92
O4 SO4 S . -12.52 6.45 -30.22
S SO4 T . -30.99 18.75 -11.07
O1 SO4 T . -30.00 19.36 -10.19
O2 SO4 T . -30.33 17.68 -11.83
O3 SO4 T . -32.12 18.18 -10.32
O4 SO4 T . -31.60 19.70 -12.03
N9 MT5 U . -1.54 9.70 -2.46
C10 MT5 U . -2.15 10.81 -2.95
N11 MT5 U . -2.16 11.32 -4.17
C12 MT5 U . -2.98 12.53 -4.20
C13 MT5 U . -3.48 12.66 -2.75
N14 MT5 U . -2.91 11.54 -2.08
C15 MT5 U . -3.10 11.30 -0.70
O16 MT5 U . -3.60 10.06 -0.26
C17 MT5 U . -3.58 12.47 0.14
O18 MT5 U . -4.71 12.27 0.98
C19 MT5 U . -3.83 13.76 -0.70
O20 MT5 U . -3.48 14.89 0.04
C21 MT5 U . -2.94 13.77 -1.91
O22 MT5 U . -3.04 14.99 -2.58
CL CL V . -22.32 19.41 -18.36
#